data_4HO8
#
_entry.id   4HO8
#
_cell.length_a   71.016
_cell.length_b   91.250
_cell.length_c   91.233
_cell.angle_alpha   90.000
_cell.angle_beta   90.130
_cell.angle_gamma   90.000
#
_symmetry.space_group_name_H-M   'P 1 21 1'
#
loop_
_entity.id
_entity.type
_entity.pdbx_description
1 polymer 'Glucose-1-phosphate thymidylyltransferase'
2 non-polymer "URIDINE-5'-DIPHOSPHATE-GLUCOSE"
3 non-polymer THYMIDINE
4 non-polymer 'SULFATE ION'
5 water water
#
_entity_poly.entity_id   1
_entity_poly.type   'polypeptide(L)'
_entity_poly.pdbx_seq_one_letter_code
;MKGIILSGGSGTRLYPLTKVVSKQLLPVYDKPMVYYPLSVLMLAGIKDILIISTPEDTPRFEQLLGGGSELGISLSYAVQ
SSPDGLAQAFIIGEEFIGDDNVALVLGDNIFYGHGFTELLQRAANRKSGATIFGYNVKDPQRFGVVEFDEKGKVISIEEK
PEEPKSSYAVTGLYFYDNRVVDIAKNITPSARGELEITDVNKAYLELGELHVELLGRGFAWLDTGTHESLLQASQFIETI
EKRQSLKVACLEEIAYRMGYISREQLIKLAEPLMKNEYGQYLMNLAHRSKDLVTVEG
;
_entity_poly.pdbx_strand_id   A,B,C,D
#
# COMPACT_ATOMS: atom_id res chain seq x y z
N MET A 1 -30.81 24.67 0.87
CA MET A 1 -30.28 23.66 1.84
C MET A 1 -29.01 24.11 2.56
N LYS A 2 -28.95 23.83 3.87
CA LYS A 2 -27.74 24.08 4.66
C LYS A 2 -26.99 22.76 4.90
N GLY A 3 -25.75 22.87 5.33
CA GLY A 3 -24.97 21.69 5.57
C GLY A 3 -24.38 21.73 6.93
N ILE A 4 -24.22 20.55 7.52
CA ILE A 4 -23.55 20.44 8.80
C ILE A 4 -22.52 19.29 8.76
N ILE A 5 -21.28 19.62 9.11
CA ILE A 5 -20.23 18.62 9.28
C ILE A 5 -19.91 18.39 10.75
N LEU A 6 -20.18 17.18 11.22
CA LEU A 6 -19.87 16.84 12.56
C LEU A 6 -18.42 16.39 12.65
N SER A 7 -17.60 17.27 13.19
CA SER A 7 -16.19 17.11 13.12
C SER A 7 -15.57 17.22 14.51
N GLY A 8 -16.10 16.45 15.45
CA GLY A 8 -15.61 16.49 16.81
C GLY A 8 -15.16 15.15 17.32
N GLY A 9 -15.61 14.80 18.52
CA GLY A 9 -15.20 13.53 19.17
C GLY A 9 -13.77 13.56 19.72
N SER A 10 -13.52 12.76 20.74
CA SER A 10 -12.29 12.88 21.50
C SER A 10 -11.03 12.27 20.85
N GLY A 11 -11.17 11.58 19.72
CA GLY A 11 -10.03 10.92 19.09
C GLY A 11 -9.28 9.94 20.01
N THR A 12 -9.96 8.86 20.41
CA THR A 12 -9.39 7.88 21.30
C THR A 12 -8.58 6.91 20.49
N ARG A 13 -9.22 6.28 19.49
CA ARG A 13 -8.59 5.21 18.74
C ARG A 13 -7.31 5.64 17.98
N LEU A 14 -7.19 6.92 17.67
CA LEU A 14 -6.04 7.37 16.90
C LEU A 14 -4.88 7.86 17.74
N TYR A 15 -5.06 7.97 19.05
CA TYR A 15 -3.96 8.29 19.94
C TYR A 15 -2.71 7.48 19.55
N PRO A 16 -1.53 8.12 19.56
CA PRO A 16 -1.27 9.48 20.03
C PRO A 16 -1.43 10.48 18.94
N LEU A 17 -1.81 10.03 17.73
CA LEU A 17 -2.00 10.92 16.60
C LEU A 17 -2.81 12.14 17.01
N THR A 18 -3.82 11.92 17.83
CA THR A 18 -4.77 12.94 18.15
C THR A 18 -4.49 13.61 19.46
N LYS A 19 -3.29 13.47 19.97
CA LYS A 19 -2.96 14.18 21.20
C LYS A 19 -3.05 15.72 21.02
N VAL A 20 -2.37 16.24 19.99
CA VAL A 20 -2.29 17.71 19.77
C VAL A 20 -2.88 18.16 18.44
N VAL A 21 -3.47 17.20 17.70
CA VAL A 21 -4.08 17.46 16.40
C VAL A 21 -5.47 16.82 16.32
N SER A 22 -6.43 17.55 15.79
CA SER A 22 -7.78 17.02 15.71
C SER A 22 -7.87 16.00 14.62
N LYS A 23 -8.64 14.95 14.90
CA LYS A 23 -8.83 13.85 14.01
C LYS A 23 -9.01 14.27 12.54
N GLN A 24 -9.88 15.25 12.28
CA GLN A 24 -10.34 15.56 10.91
C GLN A 24 -9.45 16.57 10.21
N LEU A 25 -8.33 16.91 10.85
CA LEU A 25 -7.26 17.64 10.21
C LEU A 25 -6.06 16.75 9.86
N LEU A 26 -6.13 15.46 10.21
CA LEU A 26 -5.06 14.53 9.83
C LEU A 26 -5.11 14.22 8.33
N PRO A 27 -3.97 13.96 7.70
CA PRO A 27 -4.00 13.77 6.26
C PRO A 27 -4.80 12.54 5.82
N VAL A 28 -5.54 12.68 4.74
CA VAL A 28 -5.93 11.54 3.90
C VAL A 28 -5.19 11.69 2.53
N TYR A 29 -4.01 11.10 2.49
CA TYR A 29 -3.04 11.26 1.41
C TYR A 29 -2.45 12.66 1.28
N ASP A 30 -3.18 13.59 0.67
CA ASP A 30 -2.62 14.89 0.31
C ASP A 30 -3.47 16.11 0.71
N LYS A 31 -4.38 15.92 1.63
CA LYS A 31 -5.18 17.04 2.12
C LYS A 31 -5.95 16.61 3.36
N PRO A 32 -6.27 17.58 4.24
CA PRO A 32 -6.94 17.31 5.49
C PRO A 32 -8.19 16.49 5.27
N MET A 33 -8.37 15.47 6.09
CA MET A 33 -9.61 14.69 6.14
C MET A 33 -10.85 15.59 5.93
N VAL A 34 -10.93 16.68 6.67
CA VAL A 34 -12.14 17.50 6.59
C VAL A 34 -12.49 17.94 5.15
N TYR A 35 -11.48 18.12 4.28
CA TYR A 35 -11.78 18.47 2.90
C TYR A 35 -12.77 17.44 2.26
N TYR A 36 -12.70 16.19 2.69
CA TYR A 36 -13.46 15.18 1.97
C TYR A 36 -14.96 15.34 2.14
N PRO A 37 -15.45 15.39 3.39
CA PRO A 37 -16.88 15.65 3.56
C PRO A 37 -17.31 17.06 3.16
N LEU A 38 -16.45 18.06 3.34
CA LEU A 38 -16.79 19.37 2.81
C LEU A 38 -17.08 19.30 1.27
N SER A 39 -16.18 18.63 0.52
CA SER A 39 -16.33 18.48 -0.91
C SER A 39 -17.73 18.00 -1.21
N VAL A 40 -18.19 17.01 -0.45
CA VAL A 40 -19.48 16.41 -0.66
C VAL A 40 -20.67 17.41 -0.52
N LEU A 41 -20.67 18.20 0.53
CA LEU A 41 -21.70 19.21 0.68
C LEU A 41 -21.64 20.24 -0.49
N MET A 42 -20.43 20.59 -0.89
CA MET A 42 -20.25 21.53 -1.98
C MET A 42 -20.84 20.99 -3.29
N LEU A 43 -20.51 19.74 -3.61
CA LEU A 43 -21.05 19.11 -4.82
C LEU A 43 -22.57 18.96 -4.77
N ALA A 44 -23.15 18.88 -3.58
CA ALA A 44 -24.58 18.73 -3.46
C ALA A 44 -25.24 20.09 -3.74
N GLY A 45 -24.41 21.12 -3.86
CA GLY A 45 -24.91 22.47 -4.13
C GLY A 45 -25.20 23.28 -2.85
N ILE A 46 -24.86 22.71 -1.70
CA ILE A 46 -24.96 23.45 -0.45
C ILE A 46 -23.83 24.46 -0.33
N LYS A 47 -24.22 25.75 -0.19
CA LYS A 47 -23.29 26.90 -0.15
C LYS A 47 -23.18 27.54 1.26
N ASP A 48 -23.87 26.97 2.24
CA ASP A 48 -24.01 27.61 3.58
C ASP A 48 -23.94 26.57 4.71
N ILE A 49 -22.76 26.49 5.36
CA ILE A 49 -22.34 25.26 6.06
C ILE A 49 -21.87 25.51 7.51
N LEU A 50 -22.43 24.74 8.46
CA LEU A 50 -21.97 24.76 9.84
C LEU A 50 -20.99 23.63 10.16
N ILE A 51 -19.77 24.00 10.54
CA ILE A 51 -18.78 23.03 11.02
C ILE A 51 -18.80 22.92 12.55
N ILE A 52 -19.12 21.73 13.11
CA ILE A 52 -19.09 21.51 14.59
C ILE A 52 -17.86 20.73 15.04
N SER A 53 -17.20 21.22 16.09
CA SER A 53 -16.08 20.49 16.68
C SER A 53 -15.94 20.72 18.20
N THR A 54 -14.91 20.12 18.79
CA THR A 54 -14.59 20.29 20.20
C THR A 54 -14.13 21.72 20.47
N PRO A 55 -14.19 22.19 21.76
CA PRO A 55 -13.77 23.55 22.14
C PRO A 55 -12.35 23.90 21.70
N GLU A 56 -11.47 22.91 21.77
CA GLU A 56 -10.03 23.11 21.51
C GLU A 56 -9.66 22.94 20.04
N ASP A 57 -10.48 22.21 19.27
CA ASP A 57 -10.21 21.99 17.82
C ASP A 57 -11.01 22.88 16.90
N THR A 58 -12.16 23.35 17.37
CA THR A 58 -12.98 24.26 16.57
C THR A 58 -12.21 25.47 16.00
N PRO A 59 -11.44 26.20 16.83
CA PRO A 59 -10.61 27.32 16.29
C PRO A 59 -9.63 26.90 15.19
N ARG A 60 -9.20 25.64 15.23
CA ARG A 60 -8.20 25.15 14.29
C ARG A 60 -8.79 24.81 12.91
N PHE A 61 -10.05 24.41 12.86
CA PHE A 61 -10.78 24.35 11.59
C PHE A 61 -11.04 25.75 11.02
N GLU A 62 -11.42 26.67 11.90
CA GLU A 62 -11.61 28.07 11.51
C GLU A 62 -10.30 28.73 10.96
N GLN A 63 -9.15 28.34 11.49
CA GLN A 63 -7.87 28.82 10.96
C GLN A 63 -7.56 28.25 9.60
N LEU A 64 -8.16 27.10 9.26
CA LEU A 64 -7.89 26.39 8.02
C LEU A 64 -8.87 26.75 6.90
N LEU A 65 -10.15 26.76 7.22
CA LEU A 65 -11.17 26.99 6.21
C LEU A 65 -11.63 28.45 6.15
N GLY A 66 -11.30 29.22 7.18
CA GLY A 66 -11.72 30.60 7.28
C GLY A 66 -13.22 30.68 7.30
N GLY A 67 -13.75 31.77 6.76
CA GLY A 67 -15.20 31.99 6.73
C GLY A 67 -15.87 31.59 5.42
N GLY A 68 -15.11 31.03 4.49
CA GLY A 68 -15.70 30.30 3.36
C GLY A 68 -15.75 31.04 2.03
N SER A 69 -15.58 32.35 2.07
CA SER A 69 -15.90 33.20 0.91
C SER A 69 -14.85 33.16 -0.20
N GLU A 70 -13.63 32.74 0.13
CA GLU A 70 -12.64 32.39 -0.89
C GLU A 70 -13.10 31.19 -1.71
N LEU A 71 -13.84 30.28 -1.07
CA LEU A 71 -14.53 29.19 -1.80
C LEU A 71 -15.90 29.64 -2.29
N GLY A 72 -16.22 30.92 -2.08
CA GLY A 72 -17.49 31.48 -2.51
C GLY A 72 -18.65 30.74 -1.87
N ILE A 73 -18.41 30.22 -0.68
CA ILE A 73 -19.49 29.68 0.08
C ILE A 73 -19.48 30.40 1.40
N SER A 74 -20.33 29.96 2.30
CA SER A 74 -20.35 30.50 3.65
C SER A 74 -20.10 29.41 4.70
N LEU A 75 -19.04 29.58 5.49
CA LEU A 75 -18.73 28.63 6.56
C LEU A 75 -18.93 29.23 7.96
N SER A 76 -19.54 28.45 8.86
CA SER A 76 -19.75 28.84 10.25
C SER A 76 -19.25 27.77 11.24
N TYR A 77 -19.02 28.18 12.50
CA TYR A 77 -18.47 27.28 13.53
C TYR A 77 -19.21 27.29 14.83
N ALA A 78 -19.38 26.10 15.38
CA ALA A 78 -20.04 25.93 16.66
C ALA A 78 -19.28 24.89 17.45
N VAL A 79 -19.23 25.07 18.77
CA VAL A 79 -18.55 24.11 19.64
C VAL A 79 -19.55 23.10 20.15
N GLN A 80 -19.19 21.82 20.06
CA GLN A 80 -19.86 20.77 20.85
C GLN A 80 -19.06 20.45 22.13
N SER A 81 -19.62 20.88 23.27
CA SER A 81 -18.94 20.80 24.59
C SER A 81 -18.45 19.40 24.93
N SER A 82 -19.26 18.40 24.57
CA SER A 82 -18.80 17.01 24.57
C SER A 82 -19.66 16.14 23.61
N PRO A 83 -19.21 14.91 23.34
CA PRO A 83 -19.80 14.17 22.24
C PRO A 83 -21.01 13.38 22.67
N ASP A 84 -22.15 14.06 22.79
CA ASP A 84 -23.37 13.42 23.24
C ASP A 84 -24.15 12.71 22.11
N GLY A 85 -23.46 12.41 21.01
CA GLY A 85 -24.11 11.74 19.86
C GLY A 85 -24.34 12.68 18.67
N LEU A 86 -24.74 12.12 17.53
CA LEU A 86 -24.80 12.90 16.28
C LEU A 86 -26.08 13.75 16.12
N ALA A 87 -27.20 13.27 16.67
CA ALA A 87 -28.44 14.02 16.63
C ALA A 87 -28.29 15.36 17.30
N GLN A 88 -27.36 15.43 18.24
CA GLN A 88 -27.08 16.67 18.95
C GLN A 88 -26.65 17.81 17.99
N ALA A 89 -26.20 17.46 16.78
CA ALA A 89 -25.79 18.45 15.80
C ALA A 89 -26.94 19.37 15.50
N PHE A 90 -28.13 18.78 15.36
CA PHE A 90 -29.29 19.55 15.08
C PHE A 90 -29.75 20.41 16.24
N ILE A 91 -29.45 19.99 17.47
CA ILE A 91 -29.70 20.86 18.63
C ILE A 91 -28.73 22.04 18.64
N ILE A 92 -27.43 21.73 18.61
CA ILE A 92 -26.38 22.75 18.57
C ILE A 92 -26.54 23.70 17.37
N GLY A 93 -27.14 23.20 16.29
CA GLY A 93 -27.22 23.93 15.06
C GLY A 93 -28.61 24.45 14.77
N GLU A 94 -29.53 24.24 15.70
CA GLU A 94 -30.91 24.73 15.61
C GLU A 94 -31.01 26.13 14.98
N GLU A 95 -30.08 26.98 15.37
CA GLU A 95 -30.18 28.39 15.12
C GLU A 95 -29.54 28.76 13.78
N PHE A 96 -28.51 28.01 13.41
CA PHE A 96 -27.91 28.11 12.09
C PHE A 96 -28.91 27.58 11.03
N ILE A 97 -29.63 26.50 11.40
CA ILE A 97 -30.61 25.87 10.50
C ILE A 97 -31.86 26.72 10.36
N GLY A 98 -32.46 27.03 11.51
CA GLY A 98 -33.61 27.87 11.58
C GLY A 98 -34.71 27.24 10.82
N ASP A 99 -35.06 27.87 9.73
CA ASP A 99 -36.31 27.66 9.03
C ASP A 99 -36.20 26.59 7.91
N ASP A 100 -34.97 26.16 7.64
CA ASP A 100 -34.61 25.51 6.36
C ASP A 100 -34.39 23.98 6.47
N ASN A 101 -34.05 23.37 5.34
CA ASN A 101 -33.62 21.98 5.29
C ASN A 101 -32.15 21.90 5.58
N VAL A 102 -31.71 20.73 6.03
CA VAL A 102 -30.33 20.56 6.47
C VAL A 102 -29.78 19.21 6.10
N ALA A 103 -28.51 19.19 5.68
CA ALA A 103 -27.80 17.95 5.40
C ALA A 103 -26.65 17.77 6.40
N LEU A 104 -26.46 16.54 6.88
CA LEU A 104 -25.44 16.25 7.89
C LEU A 104 -24.47 15.28 7.31
N VAL A 105 -23.20 15.60 7.44
CA VAL A 105 -22.19 14.68 7.02
C VAL A 105 -21.16 14.49 8.09
N LEU A 106 -20.71 13.25 8.26
CA LEU A 106 -19.67 12.97 9.28
C LEU A 106 -18.28 13.38 8.80
N GLY A 107 -17.52 14.02 9.68
CA GLY A 107 -16.27 14.64 9.30
C GLY A 107 -15.20 13.64 8.95
N ASP A 108 -15.44 12.37 9.26
CA ASP A 108 -14.44 11.34 9.00
C ASP A 108 -14.88 10.36 7.90
N ASN A 109 -15.89 10.76 7.13
CA ASN A 109 -16.43 9.97 6.02
C ASN A 109 -15.91 10.41 4.60
N ILE A 110 -15.34 9.45 3.88
CA ILE A 110 -14.92 9.65 2.53
C ILE A 110 -15.92 8.94 1.62
N PHE A 111 -16.51 9.69 0.71
CA PHE A 111 -17.32 9.13 -0.37
C PHE A 111 -16.59 9.33 -1.73
N TYR A 112 -16.76 8.38 -2.65
CA TYR A 112 -16.25 8.52 -4.01
C TYR A 112 -16.92 7.58 -4.98
N GLY A 113 -17.33 8.10 -6.12
CA GLY A 113 -17.70 7.25 -7.25
C GLY A 113 -18.42 7.99 -8.35
N HIS A 114 -18.36 7.44 -9.57
CA HIS A 114 -19.01 8.01 -10.74
C HIS A 114 -20.50 8.27 -10.51
N GLY A 115 -21.00 9.42 -10.98
CA GLY A 115 -22.42 9.77 -10.83
C GLY A 115 -22.83 10.18 -9.41
N PHE A 116 -21.89 10.12 -8.47
CA PHE A 116 -22.19 10.42 -7.11
C PHE A 116 -22.79 11.78 -6.96
N THR A 117 -22.28 12.73 -7.73
CA THR A 117 -22.77 14.05 -7.58
C THR A 117 -24.19 14.27 -8.11
N GLU A 118 -24.64 13.47 -9.08
CA GLU A 118 -26.08 13.49 -9.49
C GLU A 118 -27.01 13.10 -8.29
N LEU A 119 -26.61 12.03 -7.58
CA LEU A 119 -27.33 11.54 -6.38
C LEU A 119 -27.42 12.61 -5.27
N LEU A 120 -26.27 13.18 -4.92
CA LEU A 120 -26.18 14.23 -3.96
C LEU A 120 -27.12 15.39 -4.30
N GLN A 121 -27.18 15.80 -5.57
CA GLN A 121 -28.03 16.95 -5.97
C GLN A 121 -29.55 16.67 -5.92
N ARG A 122 -29.97 15.48 -6.33
CA ARG A 122 -31.35 15.07 -6.18
C ARG A 122 -31.73 15.21 -4.74
N ALA A 123 -30.87 14.71 -3.85
CA ALA A 123 -31.15 14.75 -2.44
C ALA A 123 -31.18 16.19 -1.96
N ALA A 124 -30.14 16.96 -2.31
CA ALA A 124 -29.97 18.34 -1.81
C ALA A 124 -31.09 19.30 -2.23
N ASN A 125 -31.85 18.88 -3.22
CA ASN A 125 -32.87 19.70 -3.80
C ASN A 125 -34.26 19.14 -3.46
N ARG A 126 -34.31 17.99 -2.83
CA ARG A 126 -35.59 17.45 -2.35
C ARG A 126 -36.07 18.35 -1.22
N LYS A 127 -37.35 18.70 -1.25
CA LYS A 127 -37.78 19.76 -0.38
C LYS A 127 -38.59 19.27 0.82
N SER A 128 -38.72 17.95 0.95
CA SER A 128 -39.33 17.31 2.15
C SER A 128 -38.93 15.85 2.29
N GLY A 129 -39.00 15.36 3.53
CA GLY A 129 -38.59 14.00 3.87
C GLY A 129 -37.12 13.87 4.29
N ALA A 130 -36.67 12.63 4.50
CA ALA A 130 -35.24 12.34 4.69
C ALA A 130 -34.63 11.55 3.49
N THR A 131 -33.38 11.82 3.15
CA THR A 131 -32.62 10.91 2.29
C THR A 131 -31.41 10.36 3.03
N ILE A 132 -31.29 9.02 3.06
CA ILE A 132 -30.08 8.34 3.59
C ILE A 132 -29.42 7.48 2.52
N PHE A 133 -28.18 7.07 2.78
CA PHE A 133 -27.38 6.38 1.80
C PHE A 133 -26.90 5.07 2.36
N GLY A 134 -27.19 4.00 1.62
CA GLY A 134 -26.82 2.65 2.04
C GLY A 134 -25.71 2.07 1.21
N TYR A 135 -24.96 1.17 1.79
CA TYR A 135 -23.75 0.63 1.18
C TYR A 135 -23.49 -0.79 1.71
N ASN A 136 -23.33 -1.75 0.81
CA ASN A 136 -22.99 -3.10 1.21
C ASN A 136 -21.56 -3.15 1.79
N VAL A 137 -21.47 -3.49 3.08
CA VAL A 137 -20.19 -3.52 3.83
C VAL A 137 -19.89 -4.93 4.39
N LYS A 138 -18.63 -5.12 4.80
CA LYS A 138 -18.19 -6.39 5.31
C LYS A 138 -18.88 -6.80 6.61
N ASP A 139 -18.76 -5.96 7.63
CA ASP A 139 -19.30 -6.32 8.96
C ASP A 139 -20.40 -5.37 9.36
N PRO A 140 -21.60 -5.57 8.81
CA PRO A 140 -22.65 -4.56 8.92
C PRO A 140 -23.00 -4.19 10.35
N GLN A 141 -22.90 -5.15 11.27
CA GLN A 141 -23.19 -4.89 12.70
C GLN A 141 -22.34 -3.78 13.33
N ARG A 142 -21.24 -3.39 12.65
CA ARG A 142 -20.41 -2.24 13.08
C ARG A 142 -21.15 -0.92 12.90
N PHE A 143 -22.25 -0.93 12.11
CA PHE A 143 -22.91 0.35 11.67
C PHE A 143 -24.41 0.33 11.89
N GLY A 144 -25.05 1.50 11.71
CA GLY A 144 -26.47 1.52 11.40
C GLY A 144 -26.75 0.65 10.16
N VAL A 145 -27.91 0.02 10.15
CA VAL A 145 -28.23 -0.96 9.15
C VAL A 145 -29.66 -0.77 8.68
N VAL A 146 -29.85 -0.79 7.37
CA VAL A 146 -31.16 -0.61 6.80
C VAL A 146 -31.51 -1.88 6.07
N GLU A 147 -32.63 -2.48 6.43
CA GLU A 147 -33.25 -3.50 5.58
C GLU A 147 -34.39 -2.89 4.79
N PHE A 148 -34.51 -3.29 3.53
CA PHE A 148 -35.58 -2.80 2.68
C PHE A 148 -36.26 -3.94 1.96
N ASP A 149 -37.19 -3.59 1.07
CA ASP A 149 -38.01 -4.58 0.37
C ASP A 149 -38.11 -4.33 -1.13
N GLU A 150 -38.12 -5.44 -1.89
CA GLU A 150 -38.57 -5.45 -3.29
C GLU A 150 -38.46 -4.09 -3.97
N LYS A 151 -39.40 -3.19 -3.64
CA LYS A 151 -39.49 -1.88 -4.30
C LYS A 151 -38.29 -0.95 -3.94
N GLY A 152 -37.44 -1.41 -3.00
CA GLY A 152 -36.40 -0.57 -2.45
C GLY A 152 -36.88 0.31 -1.30
N LYS A 153 -38.05 0.01 -0.75
CA LYS A 153 -38.57 0.79 0.36
C LYS A 153 -38.28 0.16 1.74
N VAL A 154 -37.94 1.02 2.69
CA VAL A 154 -37.35 0.60 3.96
C VAL A 154 -38.33 -0.14 4.87
N ILE A 155 -37.99 -1.34 5.30
CA ILE A 155 -38.83 -2.05 6.27
C ILE A 155 -38.33 -1.92 7.71
N SER A 156 -37.05 -1.61 7.88
CA SER A 156 -36.52 -1.29 9.21
C SER A 156 -35.17 -0.57 9.15
N ILE A 157 -34.70 -0.14 10.33
CA ILE A 157 -33.52 0.67 10.44
C ILE A 157 -33.03 0.67 11.89
N GLU A 158 -31.94 -0.04 12.12
CA GLU A 158 -31.54 -0.45 13.46
C GLU A 158 -30.05 -0.16 13.70
N GLU A 159 -29.72 0.41 14.88
CA GLU A 159 -28.32 0.75 15.21
C GLU A 159 -27.46 -0.40 15.75
N LYS A 160 -26.51 -0.86 14.93
CA LYS A 160 -25.51 -1.87 15.34
C LYS A 160 -26.14 -3.15 15.90
N PRO A 161 -26.87 -3.90 15.05
CA PRO A 161 -27.68 -5.04 15.52
C PRO A 161 -26.86 -6.33 15.67
N GLU A 162 -27.05 -7.00 16.82
CA GLU A 162 -26.34 -8.25 17.12
C GLU A 162 -26.59 -9.24 16.00
N GLU A 163 -27.82 -9.25 15.51
CA GLU A 163 -28.17 -9.97 14.29
C GLU A 163 -28.71 -9.00 13.23
N PRO A 164 -27.82 -8.54 12.31
CA PRO A 164 -28.21 -7.64 11.23
C PRO A 164 -29.15 -8.35 10.25
N LYS A 165 -30.18 -7.63 9.81
CA LYS A 165 -31.18 -8.16 8.89
C LYS A 165 -30.82 -7.87 7.43
N SER A 166 -29.60 -7.34 7.21
CA SER A 166 -29.19 -6.80 5.90
C SER A 166 -27.67 -6.58 5.90
N SER A 167 -27.09 -6.37 4.72
CA SER A 167 -25.67 -5.96 4.62
C SER A 167 -25.51 -4.45 4.48
N TYR A 168 -26.62 -3.75 4.26
CA TYR A 168 -26.56 -2.37 3.85
C TYR A 168 -26.42 -1.44 5.05
N ALA A 169 -25.20 -0.95 5.25
CA ALA A 169 -24.88 0.03 6.27
C ALA A 169 -25.49 1.39 5.96
N VAL A 170 -26.02 2.05 6.98
CA VAL A 170 -26.35 3.45 6.83
C VAL A 170 -25.10 4.28 7.09
N THR A 171 -24.73 5.09 6.10
CA THR A 171 -23.47 5.80 6.00
C THR A 171 -23.60 7.18 6.63
N GLY A 172 -22.48 7.88 6.76
CA GLY A 172 -22.46 9.13 7.50
C GLY A 172 -22.86 10.33 6.70
N LEU A 173 -23.88 10.20 5.88
CA LEU A 173 -24.35 11.35 5.10
C LEU A 173 -25.85 11.36 5.08
N TYR A 174 -26.43 12.47 5.52
CA TYR A 174 -27.88 12.54 5.72
C TYR A 174 -28.47 13.88 5.26
N PHE A 175 -29.61 13.82 4.58
CA PHE A 175 -30.36 15.00 4.14
C PHE A 175 -31.75 15.04 4.81
N TYR A 176 -32.13 16.21 5.34
CA TYR A 176 -33.37 16.29 6.12
C TYR A 176 -34.16 17.52 5.80
N ASP A 177 -35.47 17.43 5.98
CA ASP A 177 -36.28 18.64 5.97
C ASP A 177 -36.24 19.30 7.37
N ASN A 178 -36.90 20.46 7.51
CA ASN A 178 -36.78 21.29 8.70
C ASN A 178 -37.28 20.64 9.98
N ARG A 179 -38.07 19.59 9.86
CA ARG A 179 -38.65 18.91 11.02
C ARG A 179 -37.64 18.21 11.86
N VAL A 180 -36.40 18.14 11.40
CA VAL A 180 -35.43 17.25 12.04
C VAL A 180 -34.99 17.78 13.43
N VAL A 181 -34.77 19.10 13.53
CA VAL A 181 -34.40 19.72 14.82
C VAL A 181 -35.41 19.44 15.97
N ASP A 182 -36.70 19.65 15.71
CA ASP A 182 -37.69 19.29 16.73
C ASP A 182 -37.77 17.76 16.94
N ILE A 183 -37.26 16.99 15.98
CA ILE A 183 -37.24 15.57 16.14
C ILE A 183 -36.15 15.16 17.12
N ALA A 184 -34.99 15.81 16.99
CA ALA A 184 -33.78 15.46 17.74
C ALA A 184 -33.89 15.95 19.17
N LYS A 185 -34.68 17.01 19.34
CA LYS A 185 -34.99 17.56 20.64
C LYS A 185 -35.78 16.58 21.45
N ASN A 186 -36.63 15.80 20.78
CA ASN A 186 -37.68 14.99 21.47
C ASN A 186 -37.38 13.49 21.60
N ILE A 187 -36.12 13.09 21.51
CA ILE A 187 -35.72 11.72 21.88
C ILE A 187 -34.45 11.74 22.72
N THR A 188 -34.13 10.57 23.27
CA THR A 188 -33.32 10.52 24.46
C THR A 188 -32.16 9.55 24.31
N PRO A 189 -31.13 9.72 25.15
CA PRO A 189 -29.93 8.87 25.11
C PRO A 189 -30.25 7.39 25.07
N SER A 190 -29.44 6.65 24.31
CA SER A 190 -29.54 5.20 24.24
C SER A 190 -28.68 4.58 25.34
N ALA A 191 -28.55 3.24 25.31
CA ALA A 191 -27.70 2.50 26.28
C ALA A 191 -26.28 3.04 26.42
N ARG A 192 -25.78 3.67 25.36
CA ARG A 192 -24.42 4.20 25.40
C ARG A 192 -24.43 5.68 25.62
N GLY A 193 -25.61 6.20 25.96
CA GLY A 193 -25.74 7.56 26.46
C GLY A 193 -25.51 8.58 25.38
N GLU A 194 -25.85 8.21 24.15
CA GLU A 194 -25.77 9.14 23.03
C GLU A 194 -27.12 9.34 22.35
N LEU A 195 -27.28 10.50 21.72
CA LEU A 195 -28.44 10.80 20.90
C LEU A 195 -28.18 10.28 19.49
N GLU A 196 -28.90 9.22 19.11
CA GLU A 196 -28.58 8.40 17.94
C GLU A 196 -29.24 8.88 16.63
N ILE A 197 -28.46 8.99 15.55
CA ILE A 197 -29.04 9.41 14.29
C ILE A 197 -30.05 8.35 13.76
N THR A 198 -29.81 7.09 14.10
CA THR A 198 -30.72 6.03 13.73
C THR A 198 -32.14 6.30 14.21
N ASP A 199 -32.28 6.74 15.46
CA ASP A 199 -33.58 7.17 15.99
C ASP A 199 -34.13 8.39 15.27
N VAL A 200 -33.25 9.25 14.77
CA VAL A 200 -33.71 10.36 13.90
C VAL A 200 -34.27 9.80 12.60
N ASN A 201 -33.62 8.77 12.09
CA ASN A 201 -34.08 8.15 10.89
C ASN A 201 -35.28 7.30 11.12
N LYS A 202 -35.35 6.70 12.31
CA LYS A 202 -36.53 5.96 12.70
C LYS A 202 -37.78 6.88 12.67
N ALA A 203 -37.63 8.11 13.16
CA ALA A 203 -38.76 9.04 13.21
C ALA A 203 -39.31 9.30 11.81
N TYR A 204 -38.44 9.75 10.90
CA TYR A 204 -38.80 9.93 9.49
C TYR A 204 -39.45 8.68 8.86
N LEU A 205 -39.05 7.50 9.34
CA LEU A 205 -39.64 6.26 8.86
C LEU A 205 -41.10 6.22 9.22
N GLU A 206 -41.40 6.53 10.48
CA GLU A 206 -42.80 6.62 10.91
C GLU A 206 -43.61 7.67 10.10
N LEU A 207 -43.06 8.87 9.90
CA LEU A 207 -43.70 9.91 9.03
C LEU A 207 -43.86 9.50 7.55
N GLY A 208 -43.33 8.33 7.18
CA GLY A 208 -43.45 7.78 5.84
C GLY A 208 -42.70 8.57 4.77
N GLU A 209 -41.59 9.18 5.14
CA GLU A 209 -40.82 9.94 4.19
C GLU A 209 -39.33 9.68 4.35
N LEU A 210 -38.95 8.46 4.77
CA LEU A 210 -37.53 8.07 4.76
C LEU A 210 -37.10 7.43 3.44
N HIS A 211 -36.33 8.18 2.64
CA HIS A 211 -35.77 7.63 1.38
C HIS A 211 -34.34 7.07 1.54
N VAL A 212 -34.09 5.93 0.92
CA VAL A 212 -32.71 5.46 0.72
C VAL A 212 -32.29 5.58 -0.73
N GLU A 213 -31.15 6.23 -0.95
CA GLU A 213 -30.35 5.99 -2.13
C GLU A 213 -29.35 4.89 -1.79
N LEU A 214 -29.44 3.73 -2.43
CA LEU A 214 -28.40 2.71 -2.17
C LEU A 214 -27.24 2.80 -3.09
N LEU A 215 -26.07 2.88 -2.50
CA LEU A 215 -24.84 3.00 -3.25
C LEU A 215 -24.38 1.63 -3.65
N GLY A 216 -24.31 1.39 -4.96
CA GLY A 216 -23.80 0.12 -5.49
C GLY A 216 -22.32 -0.06 -5.24
N ARG A 217 -21.81 -1.23 -5.61
CA ARG A 217 -20.43 -1.60 -5.31
C ARG A 217 -19.41 -0.84 -6.14
N GLY A 218 -19.86 0.05 -7.01
CA GLY A 218 -18.92 0.90 -7.76
C GLY A 218 -18.54 2.16 -7.00
N PHE A 219 -19.20 2.42 -5.88
CA PHE A 219 -18.81 3.53 -5.07
C PHE A 219 -17.82 3.10 -4.02
N ALA A 220 -16.98 4.00 -3.60
CA ALA A 220 -16.19 3.79 -2.39
C ALA A 220 -16.82 4.59 -1.23
N TRP A 221 -16.99 3.93 -0.10
CA TRP A 221 -17.29 4.65 1.17
C TRP A 221 -16.32 4.18 2.25
N LEU A 222 -15.40 5.05 2.64
CA LEU A 222 -14.49 4.74 3.73
C LEU A 222 -14.68 5.70 4.94
N ASP A 223 -14.40 5.21 6.12
CA ASP A 223 -14.27 6.13 7.23
C ASP A 223 -12.95 5.94 7.94
N THR A 224 -12.48 7.01 8.50
CA THR A 224 -11.12 7.15 8.82
C THR A 224 -10.91 6.96 10.32
N GLY A 225 -11.39 5.85 10.88
CA GLY A 225 -11.58 5.78 12.32
C GLY A 225 -10.38 5.25 13.06
N THR A 226 -9.55 4.48 12.36
CA THR A 226 -8.43 3.78 12.95
C THR A 226 -7.17 3.96 12.08
N HIS A 227 -6.02 3.64 12.66
CA HIS A 227 -4.76 3.77 11.97
C HIS A 227 -4.72 2.95 10.68
N GLU A 228 -5.29 1.74 10.73
CA GLU A 228 -5.44 0.90 9.54
C GLU A 228 -6.32 1.50 8.41
N SER A 229 -7.56 1.88 8.74
CA SER A 229 -8.45 2.48 7.72
C SER A 229 -7.94 3.83 7.22
N LEU A 230 -7.34 4.63 8.12
CA LEU A 230 -6.77 5.92 7.71
C LEU A 230 -5.74 5.71 6.59
N LEU A 231 -4.79 4.81 6.81
CA LEU A 231 -3.78 4.51 5.85
C LEU A 231 -4.37 3.88 4.55
N GLN A 232 -5.37 3.01 4.71
CA GLN A 232 -6.08 2.45 3.57
C GLN A 232 -6.75 3.53 2.76
N ALA A 233 -7.52 4.39 3.42
CA ALA A 233 -8.20 5.45 2.70
C ALA A 233 -7.17 6.29 1.95
N SER A 234 -6.02 6.51 2.60
CA SER A 234 -4.91 7.23 2.00
C SER A 234 -4.41 6.58 0.70
N GLN A 235 -4.03 5.28 0.75
CA GLN A 235 -3.58 4.56 -0.45
C GLN A 235 -4.60 4.67 -1.57
N PHE A 236 -5.86 4.58 -1.21
CA PHE A 236 -6.93 4.56 -2.20
C PHE A 236 -7.04 5.91 -2.91
N ILE A 237 -6.87 7.00 -2.16
CA ILE A 237 -6.86 8.31 -2.78
C ILE A 237 -5.67 8.46 -3.73
N GLU A 238 -4.45 8.15 -3.28
CA GLU A 238 -3.31 8.39 -4.15
C GLU A 238 -3.32 7.52 -5.38
N THR A 239 -3.97 6.37 -5.31
CA THR A 239 -4.11 5.54 -6.50
C THR A 239 -5.03 6.17 -7.58
N ILE A 240 -6.13 6.75 -7.13
CA ILE A 240 -7.01 7.51 -8.01
C ILE A 240 -6.29 8.73 -8.58
N GLU A 241 -5.54 9.43 -7.75
CA GLU A 241 -4.88 10.68 -8.19
C GLU A 241 -3.63 10.48 -9.09
N LYS A 242 -2.76 9.53 -8.74
CA LYS A 242 -1.57 9.25 -9.54
C LYS A 242 -1.97 8.91 -10.97
N ARG A 243 -3.05 8.14 -11.09
CA ARG A 243 -3.55 7.66 -12.36
C ARG A 243 -4.04 8.80 -13.25
N GLN A 244 -5.02 9.56 -12.78
CA GLN A 244 -5.67 10.50 -13.68
C GLN A 244 -5.22 11.96 -13.64
N SER A 245 -4.36 12.28 -12.70
CA SER A 245 -3.93 13.66 -12.60
C SER A 245 -5.17 14.55 -12.37
N LEU A 246 -6.17 14.00 -11.69
CA LEU A 246 -7.28 14.81 -11.17
C LEU A 246 -7.30 14.62 -9.69
N LYS A 247 -7.70 15.64 -8.94
CA LYS A 247 -7.73 15.53 -7.51
C LYS A 247 -9.12 15.24 -6.96
N VAL A 248 -9.17 14.52 -5.85
CA VAL A 248 -10.42 14.21 -5.14
C VAL A 248 -10.61 15.20 -3.99
N ALA A 249 -11.70 15.94 -4.01
CA ALA A 249 -12.00 16.84 -2.90
C ALA A 249 -11.04 18.03 -2.79
N CYS A 250 -10.47 18.47 -3.90
CA CYS A 250 -9.83 19.77 -3.97
C CYS A 250 -10.91 20.88 -3.95
N LEU A 251 -10.99 21.63 -2.85
CA LEU A 251 -12.16 22.50 -2.56
C LEU A 251 -12.35 23.60 -3.63
N GLU A 252 -11.22 24.17 -4.05
CA GLU A 252 -11.17 25.26 -4.97
C GLU A 252 -11.60 24.81 -6.38
N GLU A 253 -11.22 23.60 -6.76
CA GLU A 253 -11.67 23.07 -8.04
C GLU A 253 -13.18 22.96 -8.05
N ILE A 254 -13.73 22.58 -6.89
CA ILE A 254 -15.12 22.31 -6.80
C ILE A 254 -15.92 23.63 -6.78
N ALA A 255 -15.38 24.63 -6.11
CA ALA A 255 -16.02 25.95 -6.05
C ALA A 255 -16.22 26.52 -7.46
N TYR A 256 -15.21 26.30 -8.30
CA TYR A 256 -15.15 26.84 -9.62
C TYR A 256 -15.95 26.02 -10.59
N ARG A 257 -15.73 24.72 -10.63
CA ARG A 257 -16.53 23.85 -11.51
C ARG A 257 -18.00 23.99 -11.19
N MET A 258 -18.30 24.30 -9.93
CA MET A 258 -19.68 24.41 -9.46
C MET A 258 -20.28 25.82 -9.65
N GLY A 259 -19.45 26.79 -10.01
CA GLY A 259 -19.93 28.14 -10.27
C GLY A 259 -19.72 29.11 -9.12
N TYR A 260 -19.50 28.58 -7.90
CA TYR A 260 -19.31 29.43 -6.72
C TYR A 260 -18.14 30.41 -6.89
N ILE A 261 -17.27 30.18 -7.86
CA ILE A 261 -16.23 31.15 -8.13
C ILE A 261 -15.92 31.32 -9.62
N SER A 262 -15.15 32.37 -9.93
CA SER A 262 -14.79 32.64 -11.29
C SER A 262 -13.36 32.17 -11.52
N ARG A 263 -13.06 31.89 -12.79
CA ARG A 263 -11.71 31.80 -13.27
C ARG A 263 -10.77 32.75 -12.55
N GLU A 264 -11.05 34.06 -12.64
CA GLU A 264 -10.12 35.06 -12.08
C GLU A 264 -9.93 34.90 -10.57
N GLN A 265 -10.98 34.48 -9.86
CA GLN A 265 -10.88 34.23 -8.43
C GLN A 265 -10.07 32.96 -8.14
N LEU A 266 -10.28 31.92 -8.97
CA LEU A 266 -9.45 30.71 -8.89
C LEU A 266 -7.98 31.02 -9.10
N ILE A 267 -7.73 31.95 -10.01
CA ILE A 267 -6.37 32.37 -10.35
C ILE A 267 -5.71 33.13 -9.22
N LYS A 268 -6.49 33.96 -8.50
CA LYS A 268 -6.00 34.64 -7.28
C LYS A 268 -5.65 33.64 -6.17
N LEU A 269 -6.38 32.51 -6.15
CA LEU A 269 -6.12 31.40 -5.24
C LEU A 269 -4.89 30.65 -5.62
N ALA A 270 -4.79 30.23 -6.90
CA ALA A 270 -3.60 29.52 -7.37
C ALA A 270 -2.31 30.30 -7.08
N GLU A 271 -2.37 31.62 -7.21
CA GLU A 271 -1.18 32.46 -7.34
C GLU A 271 -0.16 32.36 -6.19
N PRO A 272 -0.63 32.46 -4.94
CA PRO A 272 0.34 32.35 -3.85
C PRO A 272 0.84 30.90 -3.60
N LEU A 273 0.12 29.90 -4.10
CA LEU A 273 0.47 28.48 -3.86
C LEU A 273 1.20 27.87 -5.04
N MET A 274 1.64 28.73 -5.98
CA MET A 274 2.40 28.25 -7.17
C MET A 274 3.75 27.60 -6.79
N LYS A 275 4.23 27.86 -5.57
CA LYS A 275 5.46 27.21 -5.10
C LYS A 275 5.25 25.72 -4.80
N ASN A 276 3.99 25.29 -4.69
CA ASN A 276 3.64 23.86 -4.47
C ASN A 276 2.69 23.26 -5.51
N GLU A 277 2.57 21.94 -5.48
CA GLU A 277 1.90 21.16 -6.50
C GLU A 277 0.42 21.43 -6.54
N TYR A 278 -0.15 21.73 -5.40
CA TYR A 278 -1.59 21.91 -5.30
C TYR A 278 -1.96 23.20 -6.01
N GLY A 279 -1.08 24.19 -5.92
CA GLY A 279 -1.29 25.45 -6.56
C GLY A 279 -1.15 25.33 -8.05
N GLN A 280 -0.10 24.62 -8.50
CA GLN A 280 0.05 24.41 -9.91
C GLN A 280 -1.14 23.64 -10.46
N TYR A 281 -1.74 22.80 -9.63
CA TYR A 281 -2.89 22.03 -10.05
C TYR A 281 -4.09 22.94 -10.31
N LEU A 282 -4.36 23.82 -9.35
CA LEU A 282 -5.38 24.86 -9.56
C LEU A 282 -5.12 25.72 -10.79
N MET A 283 -3.83 26.06 -11.02
CA MET A 283 -3.46 26.94 -12.16
C MET A 283 -3.67 26.30 -13.52
N ASN A 284 -3.18 25.07 -13.68
CA ASN A 284 -3.55 24.23 -14.79
C ASN A 284 -5.02 24.26 -15.11
N LEU A 285 -5.86 24.31 -14.08
CA LEU A 285 -7.30 24.18 -14.27
C LEU A 285 -7.92 25.45 -14.83
N ALA A 286 -7.50 26.58 -14.28
CA ALA A 286 -7.84 27.90 -14.80
C ALA A 286 -7.38 28.09 -16.23
N HIS A 287 -6.36 27.36 -16.63
CA HIS A 287 -5.88 27.43 -18.00
C HIS A 287 -6.80 26.67 -19.01
N ARG A 288 -8.00 26.28 -18.56
CA ARG A 288 -8.96 25.53 -19.38
C ARG A 288 -10.39 26.01 -19.09
N MET B 1 -23.47 -10.09 -30.37
CA MET B 1 -22.06 -9.58 -30.48
C MET B 1 -21.03 -10.57 -29.92
N LYS B 2 -19.87 -10.64 -30.56
CA LYS B 2 -18.79 -11.48 -30.06
C LYS B 2 -17.70 -10.65 -29.32
N GLY B 3 -16.79 -11.35 -28.63
CA GLY B 3 -15.73 -10.67 -27.87
C GLY B 3 -14.37 -11.30 -28.02
N ILE B 4 -13.35 -10.48 -28.14
CA ILE B 4 -11.99 -10.96 -28.23
C ILE B 4 -11.13 -10.35 -27.09
N ILE B 5 -10.40 -11.18 -26.36
CA ILE B 5 -9.40 -10.67 -25.43
C ILE B 5 -7.98 -10.88 -25.99
N LEU B 6 -7.21 -9.79 -26.10
CA LEU B 6 -5.86 -9.89 -26.57
C LEU B 6 -4.89 -10.07 -25.42
N SER B 7 -4.44 -11.30 -25.23
CA SER B 7 -3.80 -11.69 -24.03
C SER B 7 -2.47 -12.30 -24.35
N GLY B 8 -1.62 -11.54 -25.02
CA GLY B 8 -0.37 -12.08 -25.54
C GLY B 8 0.82 -11.23 -25.21
N GLY B 9 1.72 -11.06 -26.19
CA GLY B 9 2.92 -10.21 -26.01
C GLY B 9 4.02 -10.91 -25.20
N SER B 10 5.24 -10.35 -25.27
CA SER B 10 6.47 -11.11 -24.96
C SER B 10 6.88 -11.20 -23.48
N GLY B 11 6.25 -10.41 -22.61
CA GLY B 11 6.57 -10.46 -21.18
C GLY B 11 7.87 -9.74 -20.75
N THR B 12 8.27 -8.72 -21.53
CA THR B 12 9.55 -8.03 -21.33
C THR B 12 9.61 -7.25 -20.03
N ARG B 13 8.84 -6.18 -19.95
CA ARG B 13 8.67 -5.54 -18.69
C ARG B 13 8.10 -6.64 -17.82
N LEU B 14 8.38 -6.60 -16.54
CA LEU B 14 7.87 -7.66 -15.65
C LEU B 14 8.77 -8.86 -15.52
N TYR B 15 9.65 -9.10 -16.51
CA TYR B 15 10.68 -10.11 -16.32
C TYR B 15 11.21 -9.86 -14.93
N PRO B 16 11.52 -10.93 -14.17
CA PRO B 16 11.41 -12.37 -14.52
C PRO B 16 10.08 -12.97 -14.15
N LEU B 17 9.15 -12.16 -13.65
CA LEU B 17 7.80 -12.62 -13.36
C LEU B 17 7.24 -13.40 -14.53
N THR B 18 7.46 -12.89 -15.73
CA THR B 18 6.95 -13.47 -16.95
C THR B 18 7.82 -14.58 -17.51
N LYS B 19 9.04 -14.73 -17.02
CA LYS B 19 9.90 -15.81 -17.51
C LYS B 19 9.16 -17.14 -17.82
N VAL B 20 8.44 -17.70 -16.82
CA VAL B 20 7.77 -19.02 -17.01
C VAL B 20 6.26 -18.95 -16.74
N VAL B 21 5.76 -17.74 -16.61
CA VAL B 21 4.34 -17.53 -16.36
C VAL B 21 3.80 -16.41 -17.23
N SER B 22 2.66 -16.64 -17.83
CA SER B 22 2.10 -15.65 -18.73
C SER B 22 1.62 -14.43 -17.99
N LYS B 23 1.92 -13.28 -18.57
CA LYS B 23 1.63 -12.02 -17.97
C LYS B 23 0.21 -12.00 -17.36
N GLN B 24 -0.80 -12.34 -18.16
CA GLN B 24 -2.23 -12.17 -17.80
C GLN B 24 -2.81 -13.30 -16.91
N LEU B 25 -1.92 -14.22 -16.48
CA LEU B 25 -2.24 -15.14 -15.42
C LEU B 25 -1.65 -14.71 -14.05
N LEU B 26 -0.92 -13.59 -14.04
CA LEU B 26 -0.36 -13.05 -12.81
C LEU B 26 -1.45 -12.49 -11.94
N PRO B 27 -1.24 -12.47 -10.62
CA PRO B 27 -2.29 -11.97 -9.75
C PRO B 27 -2.50 -10.47 -9.85
N VAL B 28 -3.77 -10.07 -9.93
CA VAL B 28 -4.16 -8.74 -9.48
C VAL B 28 -4.94 -8.93 -8.18
N TYR B 29 -4.26 -8.70 -7.07
CA TYR B 29 -4.75 -9.02 -5.74
C TYR B 29 -5.06 -10.50 -5.52
N ASP B 30 -6.25 -10.94 -5.96
CA ASP B 30 -6.76 -12.28 -5.59
C ASP B 30 -7.41 -13.09 -6.74
N LYS B 31 -7.13 -12.73 -7.98
CA LYS B 31 -7.45 -13.58 -9.14
C LYS B 31 -6.61 -13.22 -10.33
N PRO B 32 -6.42 -14.17 -11.26
CA PRO B 32 -5.64 -13.87 -12.44
C PRO B 32 -6.12 -12.58 -13.08
N MET B 33 -5.17 -11.75 -13.46
CA MET B 33 -5.41 -10.60 -14.27
C MET B 33 -6.51 -10.84 -15.32
N VAL B 34 -6.38 -11.93 -16.07
CA VAL B 34 -7.33 -12.18 -17.15
C VAL B 34 -8.80 -12.14 -16.69
N TYR B 35 -9.08 -12.49 -15.44
CA TYR B 35 -10.44 -12.41 -14.94
C TYR B 35 -11.03 -11.01 -15.15
N TYR B 36 -10.22 -9.99 -14.97
CA TYR B 36 -10.75 -8.63 -14.98
C TYR B 36 -11.35 -8.23 -16.32
N PRO B 37 -10.57 -8.38 -17.41
CA PRO B 37 -11.12 -8.14 -18.75
C PRO B 37 -12.22 -9.11 -19.16
N LEU B 38 -12.02 -10.40 -18.93
CA LEU B 38 -13.11 -11.34 -19.23
C LEU B 38 -14.44 -10.79 -18.62
N SER B 39 -14.35 -10.25 -17.40
CA SER B 39 -15.52 -9.92 -16.63
C SER B 39 -16.24 -8.77 -17.32
N VAL B 40 -15.47 -7.83 -17.86
CA VAL B 40 -16.01 -6.77 -18.73
C VAL B 40 -16.84 -7.29 -19.95
N LEU B 41 -16.32 -8.25 -20.70
CA LEU B 41 -17.05 -8.78 -21.84
C LEU B 41 -18.33 -9.44 -21.37
N MET B 42 -18.22 -10.17 -20.27
CA MET B 42 -19.38 -10.83 -19.67
C MET B 42 -20.46 -9.85 -19.23
N LEU B 43 -20.07 -8.73 -18.62
CA LEU B 43 -21.05 -7.71 -18.19
C LEU B 43 -21.63 -6.99 -19.39
N ALA B 44 -20.96 -7.09 -20.53
CA ALA B 44 -21.42 -6.41 -21.71
C ALA B 44 -22.56 -7.23 -22.33
N GLY B 45 -22.77 -8.42 -21.82
CA GLY B 45 -23.75 -9.33 -22.37
C GLY B 45 -23.18 -10.16 -23.51
N ILE B 46 -21.86 -10.23 -23.59
CA ILE B 46 -21.21 -11.09 -24.57
C ILE B 46 -20.89 -12.43 -23.96
N LYS B 47 -21.37 -13.50 -24.59
CA LYS B 47 -21.16 -14.85 -24.04
C LYS B 47 -20.50 -15.80 -25.03
N ASP B 48 -19.81 -15.21 -26.02
CA ASP B 48 -19.13 -15.97 -27.10
C ASP B 48 -17.81 -15.25 -27.42
N ILE B 49 -16.71 -15.75 -26.85
CA ILE B 49 -15.47 -14.95 -26.68
C ILE B 49 -14.24 -15.70 -27.16
N LEU B 50 -13.40 -15.01 -27.93
CA LEU B 50 -12.13 -15.57 -28.36
C LEU B 50 -10.95 -14.99 -27.59
N ILE B 51 -10.11 -15.86 -27.07
CA ILE B 51 -8.94 -15.46 -26.30
C ILE B 51 -7.67 -15.69 -27.13
N ILE B 52 -6.97 -14.62 -27.51
CA ILE B 52 -5.68 -14.78 -28.24
C ILE B 52 -4.43 -14.68 -27.36
N SER B 53 -3.48 -15.60 -27.56
CA SER B 53 -2.20 -15.55 -26.84
C SER B 53 -1.07 -16.21 -27.61
N THR B 54 0.11 -16.18 -27.01
CA THR B 54 1.32 -16.75 -27.57
C THR B 54 1.19 -18.26 -27.61
N PRO B 55 2.00 -18.95 -28.48
CA PRO B 55 2.00 -20.42 -28.55
C PRO B 55 2.26 -21.13 -27.19
N GLU B 56 3.19 -20.61 -26.37
CA GLU B 56 3.52 -21.21 -25.05
C GLU B 56 2.42 -21.01 -24.01
N ASP B 57 1.72 -19.87 -24.09
CA ASP B 57 0.81 -19.47 -23.00
C ASP B 57 -0.66 -19.82 -23.28
N THR B 58 -1.04 -19.83 -24.55
CA THR B 58 -2.40 -20.18 -24.92
C THR B 58 -2.96 -21.45 -24.20
N PRO B 59 -2.25 -22.60 -24.26
CA PRO B 59 -2.81 -23.76 -23.56
C PRO B 59 -3.05 -23.47 -22.08
N ARG B 60 -2.27 -22.54 -21.53
CA ARG B 60 -2.36 -22.26 -20.09
C ARG B 60 -3.61 -21.49 -19.70
N PHE B 61 -4.11 -20.62 -20.59
CA PHE B 61 -5.44 -20.02 -20.35
C PHE B 61 -6.58 -21.04 -20.46
N GLU B 62 -6.52 -21.87 -21.51
CA GLU B 62 -7.49 -22.94 -21.71
C GLU B 62 -7.56 -23.86 -20.48
N GLN B 63 -6.38 -24.16 -19.94
CA GLN B 63 -6.26 -24.93 -18.70
C GLN B 63 -6.94 -24.23 -17.50
N LEU B 64 -6.99 -22.90 -17.55
CA LEU B 64 -7.61 -22.13 -16.48
C LEU B 64 -9.09 -21.88 -16.71
N LEU B 65 -9.46 -21.56 -17.95
CA LEU B 65 -10.80 -21.09 -18.19
C LEU B 65 -11.68 -22.14 -18.81
N GLY B 66 -11.07 -23.23 -19.31
CA GLY B 66 -11.81 -24.29 -20.00
C GLY B 66 -12.51 -23.76 -21.23
N GLY B 67 -13.60 -24.41 -21.60
CA GLY B 67 -14.41 -23.97 -22.73
C GLY B 67 -15.57 -23.07 -22.37
N GLY B 68 -15.76 -22.82 -21.07
CA GLY B 68 -16.69 -21.78 -20.64
C GLY B 68 -18.09 -22.22 -20.20
N SER B 69 -18.50 -23.43 -20.57
CA SER B 69 -19.87 -23.88 -20.30
C SER B 69 -20.25 -23.71 -18.84
N GLU B 70 -19.28 -23.98 -17.95
CA GLU B 70 -19.44 -23.68 -16.52
C GLU B 70 -19.89 -22.23 -16.26
N LEU B 71 -19.30 -21.28 -16.95
CA LEU B 71 -19.71 -19.88 -16.83
C LEU B 71 -20.98 -19.58 -17.66
N GLY B 72 -21.53 -20.61 -18.32
CA GLY B 72 -22.66 -20.47 -19.24
C GLY B 72 -22.31 -19.69 -20.50
N ILE B 73 -21.03 -19.55 -20.77
CA ILE B 73 -20.60 -18.83 -21.95
C ILE B 73 -19.81 -19.77 -22.82
N SER B 74 -19.30 -19.24 -23.92
CA SER B 74 -18.55 -20.01 -24.87
C SER B 74 -17.18 -19.35 -25.12
N LEU B 75 -16.13 -20.01 -24.67
CA LEU B 75 -14.78 -19.50 -24.85
C LEU B 75 -14.03 -20.37 -25.85
N SER B 76 -13.26 -19.73 -26.74
CA SER B 76 -12.39 -20.45 -27.65
C SER B 76 -11.05 -19.72 -27.80
N TYR B 77 -10.09 -20.36 -28.49
CA TYR B 77 -8.68 -19.97 -28.36
C TYR B 77 -7.92 -19.93 -29.64
N ALA B 78 -6.89 -19.10 -29.67
CA ALA B 78 -6.14 -18.85 -30.88
C ALA B 78 -4.78 -18.27 -30.60
N VAL B 79 -3.78 -18.79 -31.32
CA VAL B 79 -2.39 -18.41 -31.14
C VAL B 79 -2.07 -17.19 -31.96
N GLN B 80 -1.36 -16.24 -31.36
CA GLN B 80 -0.68 -15.18 -32.12
C GLN B 80 0.82 -15.50 -32.15
N SER B 81 1.35 -15.78 -33.34
CA SER B 81 2.74 -16.29 -33.50
C SER B 81 3.77 -15.28 -33.02
N SER B 82 3.52 -14.01 -33.32
CA SER B 82 4.30 -12.95 -32.73
C SER B 82 3.46 -11.64 -32.57
N PRO B 83 3.93 -10.75 -31.70
CA PRO B 83 3.16 -9.57 -31.30
C PRO B 83 3.19 -8.45 -32.35
N ASP B 84 2.45 -8.65 -33.43
CA ASP B 84 2.49 -7.70 -34.54
C ASP B 84 1.42 -6.61 -34.42
N GLY B 85 0.91 -6.42 -33.20
CA GLY B 85 0.06 -5.30 -32.90
C GLY B 85 -1.38 -5.68 -32.68
N LEU B 86 -2.17 -4.70 -32.24
CA LEU B 86 -3.50 -4.99 -31.70
C LEU B 86 -4.52 -5.31 -32.79
N ALA B 87 -4.44 -4.61 -33.91
CA ALA B 87 -5.44 -4.78 -34.97
C ALA B 87 -5.36 -6.18 -35.56
N GLN B 88 -4.27 -6.86 -35.28
CA GLN B 88 -4.07 -8.18 -35.80
C GLN B 88 -5.07 -9.22 -35.22
N ALA B 89 -5.77 -8.84 -34.15
CA ALA B 89 -6.68 -9.76 -33.49
C ALA B 89 -7.82 -10.04 -34.43
N PHE B 90 -8.25 -9.00 -35.13
CA PHE B 90 -9.37 -9.14 -36.05
C PHE B 90 -8.95 -9.99 -37.23
N ILE B 91 -7.65 -9.92 -37.57
CA ILE B 91 -7.11 -10.78 -38.62
C ILE B 91 -7.09 -12.24 -38.18
N ILE B 92 -6.49 -12.50 -37.02
CA ILE B 92 -6.38 -13.85 -36.47
C ILE B 92 -7.76 -14.40 -36.12
N GLY B 93 -8.70 -13.49 -35.84
CA GLY B 93 -10.00 -13.89 -35.36
C GLY B 93 -11.10 -13.73 -36.37
N GLU B 94 -10.72 -13.36 -37.59
CA GLU B 94 -11.66 -13.30 -38.72
C GLU B 94 -12.71 -14.42 -38.73
N GLU B 95 -12.27 -15.63 -38.46
CA GLU B 95 -13.10 -16.80 -38.64
C GLU B 95 -14.08 -16.96 -37.50
N PHE B 96 -13.59 -16.71 -36.28
CA PHE B 96 -14.43 -16.72 -35.09
C PHE B 96 -15.51 -15.60 -35.19
N ILE B 97 -15.10 -14.44 -35.73
CA ILE B 97 -15.99 -13.27 -35.84
C ILE B 97 -17.02 -13.45 -36.92
N GLY B 98 -16.61 -14.12 -37.99
CA GLY B 98 -17.40 -14.25 -39.18
C GLY B 98 -18.23 -13.04 -39.49
N ASP B 99 -19.52 -13.27 -39.42
CA ASP B 99 -20.55 -12.41 -40.00
C ASP B 99 -20.92 -11.14 -39.19
N ASP B 100 -20.68 -11.17 -37.88
CA ASP B 100 -21.26 -10.14 -37.01
C ASP B 100 -20.26 -9.15 -36.35
N ASN B 101 -20.67 -8.56 -35.23
CA ASN B 101 -19.87 -7.55 -34.51
C ASN B 101 -19.03 -8.14 -33.39
N VAL B 102 -17.97 -7.45 -33.07
CA VAL B 102 -16.98 -7.97 -32.17
C VAL B 102 -16.47 -6.87 -31.26
N ALA B 103 -16.17 -7.23 -30.02
CA ALA B 103 -15.56 -6.31 -29.06
C ALA B 103 -14.16 -6.83 -28.74
N LEU B 104 -13.22 -5.90 -28.55
CA LEU B 104 -11.85 -6.26 -28.20
C LEU B 104 -11.52 -5.65 -26.87
N VAL B 105 -10.90 -6.44 -26.03
CA VAL B 105 -10.40 -5.89 -24.82
C VAL B 105 -8.98 -6.37 -24.61
N LEU B 106 -8.13 -5.49 -24.06
CA LEU B 106 -6.75 -5.85 -23.80
C LEU B 106 -6.61 -6.66 -22.49
N GLY B 107 -5.83 -7.74 -22.52
CA GLY B 107 -5.80 -8.70 -21.42
C GLY B 107 -5.25 -8.16 -20.11
N ASP B 108 -4.67 -6.97 -20.16
CA ASP B 108 -4.01 -6.39 -19.00
C ASP B 108 -4.68 -5.09 -18.58
N ASN B 109 -5.88 -4.85 -19.10
CA ASN B 109 -6.66 -3.68 -18.74
C ASN B 109 -7.67 -3.96 -17.63
N ILE B 110 -7.69 -3.08 -16.63
CA ILE B 110 -8.67 -3.15 -15.57
C ILE B 110 -9.56 -1.93 -15.52
N PHE B 111 -10.87 -2.17 -15.66
CA PHE B 111 -11.89 -1.14 -15.56
C PHE B 111 -12.74 -1.34 -14.33
N TYR B 112 -13.06 -0.24 -13.65
CA TYR B 112 -14.00 -0.27 -12.50
C TYR B 112 -14.78 1.01 -12.29
N GLY B 113 -16.03 0.86 -11.90
CA GLY B 113 -16.80 2.01 -11.38
C GLY B 113 -18.31 1.89 -11.54
N HIS B 114 -19.03 2.73 -10.82
CA HIS B 114 -20.46 2.73 -10.81
C HIS B 114 -21.07 2.98 -12.19
N GLY B 115 -22.09 2.20 -12.56
CA GLY B 115 -22.85 2.41 -13.80
C GLY B 115 -22.08 1.95 -15.04
N PHE B 116 -20.86 1.50 -14.83
CA PHE B 116 -20.04 0.99 -15.91
C PHE B 116 -20.76 -0.06 -16.72
N THR B 117 -21.54 -0.89 -16.03
CA THR B 117 -22.09 -2.03 -16.72
C THR B 117 -23.24 -1.63 -17.63
N GLU B 118 -23.70 -0.39 -17.51
CA GLU B 118 -24.75 0.17 -18.38
C GLU B 118 -24.14 0.81 -19.65
N LEU B 119 -22.98 1.43 -19.48
CA LEU B 119 -22.20 1.92 -20.60
C LEU B 119 -21.79 0.76 -21.52
N LEU B 120 -21.25 -0.30 -20.93
CA LEU B 120 -20.85 -1.50 -21.64
C LEU B 120 -22.03 -2.08 -22.42
N GLN B 121 -23.20 -2.14 -21.78
CA GLN B 121 -24.43 -2.71 -22.39
C GLN B 121 -24.88 -1.94 -23.63
N ARG B 122 -24.91 -0.61 -23.53
CA ARG B 122 -25.25 0.24 -24.65
C ARG B 122 -24.34 -0.05 -25.80
N ALA B 123 -23.06 -0.16 -25.52
CA ALA B 123 -22.05 -0.37 -26.54
C ALA B 123 -22.26 -1.68 -27.28
N ALA B 124 -22.59 -2.72 -26.53
CA ALA B 124 -22.76 -4.05 -27.10
C ALA B 124 -24.06 -4.22 -27.93
N ASN B 125 -25.07 -3.38 -27.68
CA ASN B 125 -26.35 -3.50 -28.39
C ASN B 125 -26.44 -2.55 -29.57
N ARG B 126 -25.29 -2.05 -30.00
CA ARG B 126 -25.21 -1.27 -31.23
C ARG B 126 -24.88 -2.22 -32.37
N LYS B 127 -25.68 -2.19 -33.43
CA LYS B 127 -25.38 -3.02 -34.56
C LYS B 127 -24.52 -2.30 -35.58
N SER B 128 -24.12 -1.06 -35.28
CA SER B 128 -23.35 -0.26 -36.23
C SER B 128 -22.47 0.83 -35.66
N GLY B 129 -21.24 0.89 -36.18
CA GLY B 129 -20.24 1.84 -35.74
C GLY B 129 -19.14 1.23 -34.87
N ALA B 130 -18.34 2.10 -34.26
CA ALA B 130 -17.38 1.71 -33.25
C ALA B 130 -17.57 2.60 -32.01
N THR B 131 -17.59 1.98 -30.84
CA THR B 131 -17.47 2.73 -29.59
C THR B 131 -16.10 2.48 -28.92
N ILE B 132 -15.40 3.59 -28.67
CA ILE B 132 -14.21 3.64 -27.79
C ILE B 132 -14.47 4.41 -26.47
N PHE B 133 -13.60 4.19 -25.49
CA PHE B 133 -13.76 4.78 -24.18
C PHE B 133 -12.57 5.68 -23.85
N GLY B 134 -12.88 6.95 -23.54
CA GLY B 134 -11.86 7.90 -23.14
C GLY B 134 -11.72 7.99 -21.64
N TYR B 135 -10.60 8.53 -21.18
CA TYR B 135 -10.28 8.59 -19.75
C TYR B 135 -9.18 9.59 -19.51
N ASN B 136 -9.47 10.61 -18.72
CA ASN B 136 -8.47 11.62 -18.44
C ASN B 136 -7.30 11.00 -17.65
N VAL B 137 -6.12 10.99 -18.25
CA VAL B 137 -4.90 10.43 -17.61
C VAL B 137 -3.76 11.45 -17.41
N LYS B 138 -2.70 11.01 -16.75
CA LYS B 138 -1.66 11.89 -16.27
C LYS B 138 -0.73 12.28 -17.39
N ASP B 139 -0.18 11.29 -18.05
CA ASP B 139 0.73 11.55 -19.15
C ASP B 139 0.20 10.93 -20.41
N PRO B 140 -0.78 11.60 -21.03
CA PRO B 140 -1.58 11.09 -22.15
C PRO B 140 -0.74 10.63 -23.34
N GLN B 141 0.41 11.28 -23.54
CA GLN B 141 1.34 10.88 -24.62
C GLN B 141 1.74 9.38 -24.59
N ARG B 142 1.50 8.71 -23.47
CA ARG B 142 1.82 7.26 -23.35
C ARG B 142 0.79 6.39 -24.06
N PHE B 143 -0.28 7.00 -24.55
CA PHE B 143 -1.46 6.24 -25.01
C PHE B 143 -1.95 6.80 -26.32
N GLY B 144 -2.89 6.09 -26.95
CA GLY B 144 -3.75 6.70 -27.95
C GLY B 144 -4.54 7.83 -27.32
N VAL B 145 -4.78 8.88 -28.08
CA VAL B 145 -5.35 10.11 -27.52
C VAL B 145 -6.48 10.59 -28.40
N VAL B 146 -7.63 10.86 -27.78
CA VAL B 146 -8.80 11.27 -28.53
C VAL B 146 -9.04 12.72 -28.23
N GLU B 147 -9.32 13.49 -29.27
CA GLU B 147 -9.60 14.90 -29.12
C GLU B 147 -11.01 15.15 -29.61
N PHE B 148 -11.81 15.89 -28.85
CA PHE B 148 -13.22 16.06 -29.24
C PHE B 148 -13.81 17.47 -29.19
N ASP B 149 -14.97 17.61 -29.86
CA ASP B 149 -16.05 18.53 -29.44
C ASP B 149 -16.49 18.13 -28.01
N GLU B 150 -16.66 19.10 -27.11
CA GLU B 150 -17.24 20.39 -27.41
C GLU B 150 -18.61 20.08 -28.07
N LYS B 151 -19.47 19.42 -27.28
CA LYS B 151 -20.65 18.70 -27.80
C LYS B 151 -20.40 17.18 -27.93
N GLY B 152 -19.12 16.79 -27.82
CA GLY B 152 -18.76 15.39 -27.60
C GLY B 152 -18.37 14.56 -28.82
N LYS B 153 -18.02 15.21 -29.93
CA LYS B 153 -17.68 14.45 -31.13
C LYS B 153 -16.18 14.53 -31.51
N VAL B 154 -15.62 13.38 -31.86
CA VAL B 154 -14.20 13.23 -32.14
C VAL B 154 -13.73 14.13 -33.27
N ILE B 155 -12.67 14.90 -33.02
CA ILE B 155 -12.04 15.66 -34.10
C ILE B 155 -10.73 15.02 -34.58
N SER B 156 -10.06 14.26 -33.70
CA SER B 156 -8.86 13.54 -34.09
C SER B 156 -8.59 12.38 -33.16
N ILE B 157 -7.65 11.53 -33.54
CA ILE B 157 -7.22 10.40 -32.74
C ILE B 157 -5.82 9.95 -33.17
N GLU B 158 -4.82 10.35 -32.39
CA GLU B 158 -3.41 10.09 -32.68
C GLU B 158 -2.80 9.13 -31.66
N GLU B 159 -1.97 8.20 -32.14
CA GLU B 159 -1.31 7.23 -31.28
C GLU B 159 -0.02 7.79 -30.69
N LYS B 160 0.00 7.94 -29.37
CA LYS B 160 1.17 8.40 -28.59
C LYS B 160 1.81 9.70 -29.06
N PRO B 161 0.99 10.75 -29.26
CA PRO B 161 1.47 12.02 -29.82
C PRO B 161 2.49 12.71 -28.93
N GLU B 162 3.54 13.25 -29.54
CA GLU B 162 4.59 13.97 -28.82
C GLU B 162 3.99 15.17 -28.10
N GLU B 163 3.06 15.84 -28.78
CA GLU B 163 2.24 16.88 -28.16
C GLU B 163 0.75 16.53 -28.31
N PRO B 164 0.12 16.01 -27.24
CA PRO B 164 -1.25 15.54 -27.34
C PRO B 164 -2.23 16.71 -27.30
N LYS B 165 -3.38 16.55 -27.95
CA LYS B 165 -4.34 17.63 -28.07
C LYS B 165 -5.44 17.56 -27.01
N SER B 166 -5.32 16.59 -26.09
CA SER B 166 -6.21 16.49 -24.94
C SER B 166 -5.62 15.52 -23.95
N SER B 167 -6.21 15.43 -22.77
CA SER B 167 -5.72 14.53 -21.74
C SER B 167 -6.41 13.17 -21.79
N TYR B 168 -7.28 12.97 -22.78
CA TYR B 168 -8.10 11.81 -22.80
C TYR B 168 -7.46 10.69 -23.58
N ALA B 169 -6.96 9.69 -22.86
CA ALA B 169 -6.43 8.49 -23.45
C ALA B 169 -7.55 7.61 -23.98
N VAL B 170 -7.25 6.86 -25.02
CA VAL B 170 -8.16 5.82 -25.51
C VAL B 170 -7.77 4.49 -24.86
N THR B 171 -8.65 3.94 -24.03
CA THR B 171 -8.37 2.77 -23.23
C THR B 171 -8.41 1.50 -24.07
N GLY B 172 -8.01 0.35 -23.49
CA GLY B 172 -7.93 -0.93 -24.22
C GLY B 172 -9.24 -1.70 -24.28
N LEU B 173 -10.32 -1.02 -24.66
CA LEU B 173 -11.63 -1.67 -24.79
C LEU B 173 -12.35 -1.05 -25.95
N TYR B 174 -12.73 -1.88 -26.94
CA TYR B 174 -13.33 -1.35 -28.19
C TYR B 174 -14.48 -2.21 -28.73
N PHE B 175 -15.52 -1.54 -29.22
CA PHE B 175 -16.69 -2.22 -29.80
C PHE B 175 -16.84 -1.86 -31.30
N TYR B 176 -16.96 -2.88 -32.14
CA TYR B 176 -16.86 -2.67 -33.58
C TYR B 176 -17.97 -3.42 -34.30
N ASP B 177 -18.44 -2.86 -35.43
CA ASP B 177 -19.35 -3.63 -36.33
C ASP B 177 -18.49 -4.57 -37.20
N ASN B 178 -19.11 -5.36 -38.08
CA ASN B 178 -18.33 -6.34 -38.86
C ASN B 178 -17.27 -5.75 -39.81
N ARG B 179 -17.34 -4.46 -40.04
CA ARG B 179 -16.46 -3.85 -40.98
C ARG B 179 -15.04 -3.93 -40.54
N VAL B 180 -14.83 -4.16 -39.25
CA VAL B 180 -13.52 -3.96 -38.65
C VAL B 180 -12.51 -4.97 -39.26
N VAL B 181 -12.98 -6.18 -39.52
CA VAL B 181 -12.13 -7.22 -40.11
C VAL B 181 -11.49 -6.77 -41.45
N ASP B 182 -12.27 -6.16 -42.34
CA ASP B 182 -11.68 -5.59 -43.55
C ASP B 182 -10.80 -4.35 -43.30
N ILE B 183 -11.18 -3.51 -42.35
CA ILE B 183 -10.34 -2.40 -41.96
C ILE B 183 -8.97 -2.92 -41.57
N ALA B 184 -8.96 -3.91 -40.66
CA ALA B 184 -7.71 -4.47 -40.10
C ALA B 184 -6.84 -5.10 -41.17
N LYS B 185 -7.48 -5.81 -42.08
CA LYS B 185 -6.79 -6.41 -43.21
C LYS B 185 -6.06 -5.35 -44.04
N ASN B 186 -6.72 -4.22 -44.31
CA ASN B 186 -6.23 -3.25 -45.32
C ASN B 186 -5.34 -2.11 -44.82
N ILE B 187 -4.78 -2.23 -43.63
CA ILE B 187 -3.89 -1.17 -43.13
C ILE B 187 -2.50 -1.73 -42.84
N THR B 188 -1.50 -0.86 -42.93
CA THR B 188 -0.12 -1.31 -43.01
C THR B 188 0.63 -0.93 -41.74
N PRO B 189 1.69 -1.69 -41.39
CA PRO B 189 2.48 -1.44 -40.16
C PRO B 189 2.94 0.00 -40.00
N SER B 190 2.98 0.46 -38.75
CA SER B 190 3.53 1.78 -38.41
C SER B 190 5.05 1.72 -38.28
N ALA B 191 5.64 2.85 -37.86
CA ALA B 191 7.09 2.93 -37.56
C ALA B 191 7.54 1.91 -36.48
N ARG B 192 6.73 1.76 -35.43
CA ARG B 192 7.05 0.79 -34.35
C ARG B 192 6.99 -0.64 -34.90
N GLY B 193 6.43 -0.78 -36.11
CA GLY B 193 6.35 -2.06 -36.81
C GLY B 193 5.18 -2.89 -36.35
N GLU B 194 4.02 -2.24 -36.14
CA GLU B 194 2.83 -2.90 -35.58
C GLU B 194 1.54 -2.46 -36.29
N LEU B 195 0.57 -3.36 -36.35
CA LEU B 195 -0.75 -2.99 -36.82
C LEU B 195 -1.50 -2.30 -35.70
N GLU B 196 -1.88 -1.04 -35.94
CA GLU B 196 -2.33 -0.11 -34.89
C GLU B 196 -3.85 -0.02 -34.72
N ILE B 197 -4.34 -0.13 -33.48
CA ILE B 197 -5.77 0.00 -33.24
C ILE B 197 -6.24 1.44 -33.54
N THR B 198 -5.33 2.39 -33.33
CA THR B 198 -5.58 3.78 -33.66
C THR B 198 -5.97 3.99 -35.13
N ASP B 199 -5.30 3.31 -36.05
CA ASP B 199 -5.68 3.37 -37.49
C ASP B 199 -7.02 2.70 -37.75
N VAL B 200 -7.33 1.60 -37.05
CA VAL B 200 -8.68 1.04 -37.11
C VAL B 200 -9.71 2.09 -36.68
N ASN B 201 -9.36 2.83 -35.63
CA ASN B 201 -10.23 3.85 -35.13
C ASN B 201 -10.27 5.05 -36.03
N LYS B 202 -9.13 5.38 -36.64
CA LYS B 202 -9.08 6.45 -37.65
C LYS B 202 -10.08 6.18 -38.80
N ALA B 203 -10.09 4.94 -39.29
CA ALA B 203 -11.00 4.56 -40.37
C ALA B 203 -12.45 4.85 -40.01
N TYR B 204 -12.92 4.28 -38.89
CA TYR B 204 -14.30 4.48 -38.41
C TYR B 204 -14.67 5.97 -38.28
N LEU B 205 -13.65 6.78 -37.99
CA LEU B 205 -13.82 8.20 -37.85
C LEU B 205 -14.18 8.78 -39.19
N GLU B 206 -13.44 8.38 -40.22
CA GLU B 206 -13.80 8.81 -41.56
C GLU B 206 -15.11 8.23 -42.07
N LEU B 207 -15.43 6.97 -41.71
CA LEU B 207 -16.80 6.42 -41.96
C LEU B 207 -17.96 7.17 -41.25
N GLY B 208 -17.62 8.07 -40.32
CA GLY B 208 -18.62 8.87 -39.61
C GLY B 208 -19.35 8.14 -38.48
N GLU B 209 -18.76 7.06 -37.98
CA GLU B 209 -19.41 6.23 -36.97
C GLU B 209 -18.44 5.78 -35.88
N LEU B 210 -17.59 6.69 -35.43
CA LEU B 210 -16.80 6.46 -34.23
C LEU B 210 -17.40 7.24 -33.03
N HIS B 211 -18.05 6.53 -32.11
CA HIS B 211 -18.55 7.17 -30.86
C HIS B 211 -17.54 7.11 -29.70
N VAL B 212 -17.51 8.17 -28.90
CA VAL B 212 -16.74 8.15 -27.67
C VAL B 212 -17.65 8.08 -26.48
N GLU B 213 -17.40 7.11 -25.62
CA GLU B 213 -17.96 7.06 -24.29
C GLU B 213 -16.86 7.58 -23.34
N LEU B 214 -17.07 8.75 -22.74
CA LEU B 214 -16.08 9.32 -21.78
C LEU B 214 -16.20 8.70 -20.43
N LEU B 215 -15.07 8.33 -19.85
CA LEU B 215 -15.05 7.83 -18.49
C LEU B 215 -14.53 8.91 -17.60
N GLY B 216 -15.47 9.50 -16.84
CA GLY B 216 -15.17 10.57 -15.91
C GLY B 216 -14.28 10.14 -14.79
N ARG B 217 -13.95 11.05 -13.90
CA ARG B 217 -12.93 10.84 -12.90
C ARG B 217 -13.39 9.85 -11.81
N GLY B 218 -14.60 9.32 -11.93
CA GLY B 218 -15.09 8.37 -10.96
C GLY B 218 -14.94 6.91 -11.35
N PHE B 219 -14.44 6.66 -12.54
CA PHE B 219 -14.08 5.31 -12.90
C PHE B 219 -12.61 5.07 -12.63
N ALA B 220 -12.26 3.84 -12.32
CA ALA B 220 -10.88 3.43 -12.26
C ALA B 220 -10.53 2.81 -13.62
N TRP B 221 -9.52 3.35 -14.29
CA TRP B 221 -8.85 2.62 -15.39
C TRP B 221 -7.36 2.35 -15.12
N LEU B 222 -7.00 1.09 -14.95
CA LEU B 222 -5.60 0.72 -14.80
C LEU B 222 -5.15 -0.27 -15.86
N ASP B 223 -3.86 -0.21 -16.18
CA ASP B 223 -3.24 -1.29 -16.94
C ASP B 223 -2.06 -1.83 -16.14
N THR B 224 -1.72 -3.07 -16.41
CA THR B 224 -1.05 -3.84 -15.44
C THR B 224 0.43 -4.09 -15.83
N GLY B 225 0.99 -3.16 -16.60
CA GLY B 225 2.13 -3.46 -17.45
C GLY B 225 3.50 -3.43 -16.78
N THR B 226 3.58 -2.84 -15.59
CA THR B 226 4.86 -2.79 -14.84
C THR B 226 4.70 -3.32 -13.43
N HIS B 227 5.82 -3.69 -12.82
CA HIS B 227 5.82 -4.09 -11.43
C HIS B 227 5.10 -3.09 -10.54
N GLU B 228 5.33 -1.81 -10.80
CA GLU B 228 4.74 -0.75 -9.99
C GLU B 228 3.23 -0.65 -10.17
N SER B 229 2.77 -0.62 -11.43
CA SER B 229 1.32 -0.54 -11.71
C SER B 229 0.58 -1.81 -11.27
N LEU B 230 1.23 -2.96 -11.43
CA LEU B 230 0.71 -4.24 -10.98
C LEU B 230 0.41 -4.22 -9.49
N LEU B 231 1.36 -3.76 -8.69
CA LEU B 231 1.17 -3.73 -7.28
C LEU B 231 0.11 -2.67 -6.92
N GLN B 232 0.10 -1.56 -7.67
CA GLN B 232 -0.97 -0.57 -7.49
C GLN B 232 -2.33 -1.16 -7.77
N ALA B 233 -2.51 -1.76 -8.96
CA ALA B 233 -3.83 -2.30 -9.31
C ALA B 233 -4.30 -3.23 -8.20
N SER B 234 -3.36 -4.04 -7.70
CA SER B 234 -3.58 -4.98 -6.61
C SER B 234 -4.10 -4.28 -5.31
N GLN B 235 -3.33 -3.31 -4.77
CA GLN B 235 -3.78 -2.58 -3.56
C GLN B 235 -5.15 -2.00 -3.79
N PHE B 236 -5.45 -1.58 -5.02
CA PHE B 236 -6.73 -0.91 -5.30
C PHE B 236 -7.88 -1.89 -5.19
N ILE B 237 -7.64 -3.11 -5.65
CA ILE B 237 -8.66 -4.13 -5.60
C ILE B 237 -8.93 -4.57 -4.16
N GLU B 238 -7.88 -4.81 -3.38
CA GLU B 238 -8.09 -5.33 -2.04
C GLU B 238 -8.76 -4.31 -1.15
N THR B 239 -8.59 -3.04 -1.48
CA THR B 239 -9.24 -1.98 -0.76
C THR B 239 -10.76 -2.01 -1.01
N ILE B 240 -11.13 -2.12 -2.27
CA ILE B 240 -12.54 -2.23 -2.64
C ILE B 240 -13.19 -3.43 -2.00
N GLU B 241 -12.45 -4.53 -1.94
CA GLU B 241 -13.03 -5.81 -1.48
C GLU B 241 -13.09 -5.97 0.03
N LYS B 242 -12.07 -5.51 0.74
CA LYS B 242 -12.04 -5.64 2.19
C LYS B 242 -13.27 -4.93 2.83
N ARG B 243 -13.60 -3.78 2.26
CA ARG B 243 -14.65 -2.92 2.74
C ARG B 243 -16.05 -3.44 2.40
N GLN B 244 -16.27 -3.78 1.13
CA GLN B 244 -17.60 -4.16 0.65
C GLN B 244 -17.91 -5.62 1.00
N SER B 245 -16.89 -6.44 1.09
CA SER B 245 -17.10 -7.86 1.08
C SER B 245 -17.84 -8.26 -0.21
N LEU B 246 -17.56 -7.54 -1.29
CA LEU B 246 -18.07 -7.91 -2.62
C LEU B 246 -16.89 -7.97 -3.54
N LYS B 247 -16.76 -9.03 -4.31
CA LYS B 247 -15.59 -9.24 -5.14
C LYS B 247 -15.69 -8.57 -6.51
N VAL B 248 -14.57 -8.07 -7.01
CA VAL B 248 -14.52 -7.48 -8.37
C VAL B 248 -14.15 -8.52 -9.39
N ALA B 249 -14.93 -8.67 -10.45
CA ALA B 249 -14.52 -9.57 -11.53
C ALA B 249 -14.48 -11.05 -11.10
N CYS B 250 -15.24 -11.41 -10.08
CA CYS B 250 -15.53 -12.82 -9.81
C CYS B 250 -16.41 -13.35 -10.93
N LEU B 251 -15.90 -14.26 -11.73
CA LEU B 251 -16.54 -14.64 -13.01
C LEU B 251 -17.90 -15.35 -12.81
N GLU B 252 -17.91 -16.30 -11.88
CA GLU B 252 -19.06 -17.10 -11.56
C GLU B 252 -20.19 -16.25 -11.00
N GLU B 253 -19.85 -15.24 -10.19
CA GLU B 253 -20.86 -14.34 -9.68
C GLU B 253 -21.50 -13.64 -10.84
N ILE B 254 -20.67 -13.18 -11.73
CA ILE B 254 -21.12 -12.43 -12.85
C ILE B 254 -21.98 -13.33 -13.75
N ALA B 255 -21.57 -14.57 -13.93
CA ALA B 255 -22.34 -15.51 -14.76
C ALA B 255 -23.78 -15.63 -14.23
N TYR B 256 -23.88 -15.84 -12.92
CA TYR B 256 -25.16 -15.97 -12.25
C TYR B 256 -25.99 -14.69 -12.32
N ARG B 257 -25.40 -13.56 -11.95
CA ARG B 257 -26.13 -12.30 -11.89
C ARG B 257 -26.66 -11.86 -13.27
N MET B 258 -25.91 -12.20 -14.33
CA MET B 258 -26.33 -11.96 -15.74
C MET B 258 -27.31 -13.01 -16.22
N GLY B 259 -27.54 -14.02 -15.40
CA GLY B 259 -28.44 -15.11 -15.75
C GLY B 259 -27.87 -16.05 -16.78
N TYR B 260 -26.55 -16.08 -16.96
CA TYR B 260 -25.95 -17.10 -17.84
C TYR B 260 -26.03 -18.45 -17.18
N ILE B 261 -26.09 -18.46 -15.86
CA ILE B 261 -26.19 -19.73 -15.13
C ILE B 261 -27.27 -19.65 -14.07
N SER B 262 -27.74 -20.82 -13.63
CA SER B 262 -28.80 -20.87 -12.65
C SER B 262 -28.17 -20.92 -11.30
N ARG B 263 -28.95 -20.55 -10.29
CA ARG B 263 -28.56 -20.67 -8.91
C ARG B 263 -28.05 -22.09 -8.62
N GLU B 264 -28.71 -23.08 -9.22
CA GLU B 264 -28.34 -24.46 -9.02
C GLU B 264 -26.94 -24.73 -9.53
N GLN B 265 -26.58 -24.08 -10.63
CA GLN B 265 -25.30 -24.31 -11.25
C GLN B 265 -24.17 -23.61 -10.49
N LEU B 266 -24.49 -22.45 -9.91
CA LEU B 266 -23.56 -21.76 -9.00
C LEU B 266 -23.19 -22.64 -7.81
N ILE B 267 -24.21 -23.30 -7.24
CA ILE B 267 -24.04 -24.10 -6.04
C ILE B 267 -23.11 -25.26 -6.31
N LYS B 268 -23.28 -25.84 -7.50
CA LYS B 268 -22.48 -26.98 -7.93
C LYS B 268 -21.05 -26.50 -8.26
N LEU B 269 -20.92 -25.18 -8.53
CA LEU B 269 -19.61 -24.54 -8.64
C LEU B 269 -18.93 -24.31 -7.28
N ALA B 270 -19.61 -23.63 -6.36
CA ALA B 270 -19.05 -23.37 -5.02
C ALA B 270 -18.53 -24.64 -4.37
N GLU B 271 -19.22 -25.75 -4.61
CA GLU B 271 -19.08 -26.98 -3.81
C GLU B 271 -17.65 -27.52 -3.67
N PRO B 272 -16.92 -27.67 -4.79
CA PRO B 272 -15.56 -28.19 -4.59
C PRO B 272 -14.54 -27.13 -4.07
N LEU B 273 -14.94 -25.87 -4.04
CA LEU B 273 -14.03 -24.79 -3.61
C LEU B 273 -14.38 -24.33 -2.23
N MET B 274 -15.16 -25.13 -1.49
CA MET B 274 -15.65 -24.70 -0.18
C MET B 274 -14.55 -24.70 0.86
N LYS B 275 -13.38 -25.17 0.47
CA LYS B 275 -12.24 -25.13 1.37
C LYS B 275 -11.48 -23.77 1.34
N ASN B 276 -11.93 -22.85 0.47
CA ASN B 276 -11.30 -21.50 0.34
C ASN B 276 -12.29 -20.33 0.30
N GLU B 277 -11.79 -19.14 0.59
CA GLU B 277 -12.64 -17.95 0.75
C GLU B 277 -13.45 -17.67 -0.50
N TYR B 278 -12.95 -18.14 -1.63
CA TYR B 278 -13.55 -17.83 -2.90
C TYR B 278 -14.80 -18.69 -3.05
N GLY B 279 -14.64 -19.96 -2.73
CA GLY B 279 -15.74 -20.88 -2.75
C GLY B 279 -16.87 -20.43 -1.85
N GLN B 280 -16.55 -20.13 -0.58
CA GLN B 280 -17.60 -19.68 0.33
C GLN B 280 -18.21 -18.36 -0.08
N TYR B 281 -17.48 -17.57 -0.85
CA TYR B 281 -18.03 -16.32 -1.41
C TYR B 281 -19.15 -16.65 -2.40
N LEU B 282 -18.83 -17.55 -3.33
CA LEU B 282 -19.82 -18.05 -4.30
C LEU B 282 -21.01 -18.67 -3.58
N MET B 283 -20.74 -19.45 -2.52
CA MET B 283 -21.84 -20.11 -1.77
C MET B 283 -22.77 -19.13 -1.03
N ASN B 284 -22.19 -18.14 -0.36
CA ASN B 284 -22.95 -17.05 0.23
C ASN B 284 -23.92 -16.40 -0.72
N LEU B 285 -23.50 -16.29 -1.98
CA LEU B 285 -24.29 -15.60 -3.02
C LEU B 285 -25.48 -16.43 -3.45
N ALA B 286 -25.25 -17.74 -3.55
CA ALA B 286 -26.32 -18.70 -3.80
C ALA B 286 -27.38 -18.67 -2.71
N HIS B 287 -26.97 -18.25 -1.52
CA HIS B 287 -27.87 -18.15 -0.41
C HIS B 287 -28.58 -16.79 -0.38
N ARG B 288 -27.81 -15.71 -0.38
CA ARG B 288 -28.34 -14.33 -0.42
C ARG B 288 -29.49 -14.17 -1.46
N MET C 1 27.72 -28.50 3.31
CA MET C 1 26.30 -28.21 3.66
C MET C 1 25.41 -28.23 2.43
N LYS C 2 24.37 -29.05 2.45
CA LYS C 2 23.39 -29.05 1.35
C LYS C 2 22.15 -28.17 1.65
N GLY C 3 21.29 -27.98 0.65
CA GLY C 3 20.13 -27.13 0.85
C GLY C 3 18.90 -27.70 0.24
N ILE C 4 17.79 -27.56 0.96
CA ILE C 4 16.48 -28.01 0.48
C ILE C 4 15.45 -26.89 0.63
N ILE C 5 14.76 -26.59 -0.49
CA ILE C 5 13.61 -25.68 -0.49
C ILE C 5 12.30 -26.47 -0.69
N LEU C 6 11.45 -26.51 0.34
CA LEU C 6 10.20 -27.21 0.23
C LEU C 6 9.15 -26.33 -0.40
N SER C 7 8.90 -26.56 -1.68
CA SER C 7 8.20 -25.60 -2.47
C SER C 7 7.00 -26.21 -3.10
N GLY C 8 6.17 -26.85 -2.28
CA GLY C 8 5.01 -27.62 -2.74
C GLY C 8 3.71 -27.20 -2.09
N GLY C 9 2.86 -28.20 -1.76
CA GLY C 9 1.51 -27.94 -1.22
C GLY C 9 0.49 -27.61 -2.29
N SER C 10 -0.72 -27.26 -1.89
CA SER C 10 -1.77 -27.04 -2.91
C SER C 10 -2.24 -25.58 -3.06
N GLY C 11 -1.97 -24.73 -2.08
CA GLY C 11 -2.34 -23.30 -2.20
C GLY C 11 -3.86 -23.12 -2.32
N THR C 12 -4.54 -23.16 -1.17
CA THR C 12 -5.94 -23.47 -1.15
C THR C 12 -6.97 -22.33 -1.28
N ARG C 13 -6.98 -21.27 -0.42
CA ARG C 13 -5.84 -20.56 0.16
C ARG C 13 -5.04 -20.03 -0.99
N LEU C 14 -5.47 -18.91 -1.52
CA LEU C 14 -4.86 -18.37 -2.75
C LEU C 14 -5.53 -18.84 -4.03
N TYR C 15 -6.39 -19.85 -3.97
CA TYR C 15 -7.30 -20.07 -5.09
C TYR C 15 -7.99 -18.73 -5.46
N PRO C 16 -8.19 -18.46 -6.78
CA PRO C 16 -7.78 -19.25 -7.94
C PRO C 16 -6.42 -18.87 -8.46
N LEU C 17 -5.66 -18.09 -7.69
CA LEU C 17 -4.35 -17.69 -8.09
C LEU C 17 -3.54 -18.91 -8.46
N THR C 18 -3.80 -20.00 -7.75
CA THR C 18 -2.99 -21.22 -7.85
C THR C 18 -3.64 -22.33 -8.68
N LYS C 19 -4.74 -22.04 -9.33
CA LYS C 19 -5.37 -23.05 -10.16
C LYS C 19 -4.40 -23.59 -11.24
N VAL C 20 -3.68 -22.69 -11.92
CA VAL C 20 -2.79 -23.13 -13.02
C VAL C 20 -1.36 -22.60 -12.86
N VAL C 21 -1.10 -21.96 -11.73
CA VAL C 21 0.26 -21.54 -11.39
C VAL C 21 0.59 -21.93 -9.95
N SER C 22 1.82 -22.37 -9.75
CA SER C 22 2.23 -22.76 -8.44
C SER C 22 2.40 -21.55 -7.59
N LYS C 23 1.99 -21.69 -6.34
CA LYS C 23 2.11 -20.68 -5.34
C LYS C 23 3.49 -19.95 -5.41
N GLN C 24 4.57 -20.72 -5.29
CA GLN C 24 5.95 -20.18 -5.20
C GLN C 24 6.51 -19.65 -6.51
N LEU C 25 5.72 -19.66 -7.56
CA LEU C 25 6.03 -18.89 -8.72
C LEU C 25 5.25 -17.55 -8.77
N LEU C 26 4.31 -17.34 -7.86
CA LEU C 26 3.58 -16.08 -7.88
C LEU C 26 4.52 -14.94 -7.58
N PRO C 27 4.16 -13.71 -7.96
CA PRO C 27 5.10 -12.61 -7.74
C PRO C 27 5.15 -12.16 -6.28
N VAL C 28 6.36 -11.88 -5.80
CA VAL C 28 6.52 -11.01 -4.61
C VAL C 28 7.17 -9.70 -5.11
N TYR C 29 6.29 -8.80 -5.56
CA TYR C 29 6.64 -7.55 -6.17
C TYR C 29 7.25 -7.67 -7.57
N ASP C 30 8.56 -7.93 -7.67
CA ASP C 30 9.23 -7.94 -8.98
C ASP C 30 10.01 -9.24 -9.33
N LYS C 31 9.88 -10.25 -8.50
CA LYS C 31 10.46 -11.52 -8.83
C LYS C 31 9.59 -12.65 -8.24
N PRO C 32 9.74 -13.88 -8.77
CA PRO C 32 8.93 -14.98 -8.25
C PRO C 32 9.25 -15.26 -6.81
N MET C 33 8.24 -15.61 -6.03
CA MET C 33 8.39 -15.94 -4.62
C MET C 33 9.61 -16.84 -4.33
N VAL C 34 9.81 -17.87 -5.15
CA VAL C 34 10.87 -18.85 -4.85
C VAL C 34 12.25 -18.23 -4.79
N TYR C 35 12.45 -17.10 -5.49
CA TYR C 35 13.75 -16.41 -5.44
C TYR C 35 14.14 -16.09 -3.96
N TYR C 36 13.16 -15.70 -3.16
CA TYR C 36 13.49 -15.21 -1.83
C TYR C 36 14.14 -16.30 -0.97
N PRO C 37 13.49 -17.47 -0.84
CA PRO C 37 14.13 -18.49 -0.01
C PRO C 37 15.38 -19.10 -0.66
N LEU C 38 15.44 -19.13 -1.98
CA LEU C 38 16.67 -19.56 -2.60
C LEU C 38 17.82 -18.59 -2.21
N SER C 39 17.56 -17.28 -2.32
CA SER C 39 18.54 -16.26 -2.00
C SER C 39 19.16 -16.56 -0.65
N VAL C 40 18.32 -16.94 0.32
CA VAL C 40 18.78 -17.27 1.65
C VAL C 40 19.78 -18.45 1.66
N LEU C 41 19.40 -19.55 1.05
CA LEU C 41 20.31 -20.67 0.91
C LEU C 41 21.65 -20.23 0.28
N MET C 42 21.56 -19.35 -0.71
CA MET C 42 22.75 -18.86 -1.36
C MET C 42 23.56 -17.97 -0.45
N LEU C 43 22.90 -17.07 0.27
CA LEU C 43 23.64 -16.18 1.19
C LEU C 43 24.32 -16.95 2.33
N ALA C 44 23.76 -18.09 2.71
CA ALA C 44 24.32 -18.92 3.75
C ALA C 44 25.61 -19.59 3.25
N GLY C 45 25.83 -19.56 1.94
CA GLY C 45 26.98 -20.22 1.35
C GLY C 45 26.74 -21.66 0.90
N ILE C 46 25.46 -22.04 0.76
CA ILE C 46 25.12 -23.34 0.19
C ILE C 46 25.00 -23.24 -1.32
N LYS C 47 25.69 -24.12 -2.05
CA LYS C 47 25.75 -24.07 -3.53
C LYS C 47 25.07 -25.31 -4.16
N ASP C 48 24.56 -26.18 -3.30
CA ASP C 48 24.18 -27.55 -3.66
C ASP C 48 22.75 -27.75 -3.13
N ILE C 49 21.74 -27.53 -3.98
CA ILE C 49 20.36 -27.31 -3.48
C ILE C 49 19.31 -28.26 -4.11
N LEU C 50 18.44 -28.80 -3.28
CA LEU C 50 17.31 -29.63 -3.74
C LEU C 50 15.99 -28.88 -3.61
N ILE C 51 15.24 -28.80 -4.71
CA ILE C 51 13.93 -28.12 -4.73
C ILE C 51 12.78 -29.14 -4.82
N ILE C 52 12.00 -29.31 -3.73
CA ILE C 52 10.86 -30.23 -3.74
C ILE C 52 9.51 -29.55 -4.06
N SER C 53 8.74 -30.20 -4.92
CA SER C 53 7.45 -29.66 -5.32
C SER C 53 6.48 -30.74 -5.76
N THR C 54 5.25 -30.33 -6.05
CA THR C 54 4.20 -31.24 -6.50
C THR C 54 4.50 -31.79 -7.90
N PRO C 55 3.80 -32.89 -8.30
CA PRO C 55 4.00 -33.54 -9.62
C PRO C 55 3.83 -32.59 -10.80
N GLU C 56 2.81 -31.73 -10.72
CA GLU C 56 2.50 -30.75 -11.78
C GLU C 56 3.44 -29.53 -11.80
N ASP C 57 3.89 -29.09 -10.64
CA ASP C 57 4.60 -27.79 -10.50
C ASP C 57 6.14 -27.92 -10.60
N THR C 58 6.66 -29.06 -10.17
CA THR C 58 8.09 -29.32 -10.14
C THR C 58 8.81 -29.05 -11.47
N PRO C 59 8.25 -29.52 -12.60
CA PRO C 59 8.87 -29.16 -13.90
C PRO C 59 8.92 -27.66 -14.16
N ARG C 60 7.98 -26.93 -13.55
CA ARG C 60 7.89 -25.48 -13.77
C ARG C 60 8.97 -24.74 -12.99
N PHE C 61 9.38 -25.27 -11.86
CA PHE C 61 10.61 -24.77 -11.23
C PHE C 61 11.91 -25.12 -12.02
N GLU C 62 11.98 -26.33 -12.55
CA GLU C 62 13.08 -26.76 -13.45
C GLU C 62 13.19 -25.79 -14.65
N GLN C 63 12.03 -25.41 -15.18
CA GLN C 63 11.96 -24.52 -16.34
C GLN C 63 12.45 -23.11 -16.05
N LEU C 64 12.32 -22.68 -14.80
CA LEU C 64 12.70 -21.32 -14.41
C LEU C 64 14.15 -21.24 -13.92
N LEU C 65 14.55 -22.21 -13.12
CA LEU C 65 15.82 -22.13 -12.47
C LEU C 65 16.87 -22.97 -13.17
N GLY C 66 16.44 -23.87 -14.05
CA GLY C 66 17.36 -24.80 -14.71
C GLY C 66 18.11 -25.63 -13.71
N GLY C 67 19.35 -25.99 -14.04
CA GLY C 67 20.20 -26.79 -13.15
C GLY C 67 21.20 -26.00 -12.32
N GLY C 68 21.14 -24.67 -12.41
CA GLY C 68 21.84 -23.79 -11.47
C GLY C 68 23.25 -23.34 -11.86
N SER C 69 23.73 -23.77 -13.03
CA SER C 69 25.13 -23.51 -13.42
C SER C 69 25.34 -22.04 -13.75
N GLU C 70 24.31 -21.42 -14.31
CA GLU C 70 24.28 -19.98 -14.51
C GLU C 70 24.51 -19.22 -13.18
N LEU C 71 23.89 -19.70 -12.10
CA LEU C 71 24.08 -19.07 -10.79
C LEU C 71 25.37 -19.57 -10.11
N GLY C 72 26.06 -20.49 -10.79
CA GLY C 72 27.32 -21.02 -10.31
C GLY C 72 27.08 -21.91 -9.13
N ILE C 73 25.87 -22.42 -9.03
CA ILE C 73 25.57 -23.39 -8.03
C ILE C 73 25.02 -24.66 -8.69
N SER C 74 24.49 -25.55 -7.89
CA SER C 74 23.90 -26.76 -8.39
C SER C 74 22.46 -26.93 -7.87
N LEU C 75 21.52 -27.02 -8.80
CA LEU C 75 20.12 -27.14 -8.46
C LEU C 75 19.58 -28.45 -8.96
N SER C 76 18.99 -29.23 -8.06
CA SER C 76 18.30 -30.45 -8.44
C SER C 76 16.84 -30.52 -7.91
N TYR C 77 16.12 -31.59 -8.29
CA TYR C 77 14.64 -31.58 -8.17
C TYR C 77 14.03 -32.91 -7.82
N ALA C 78 12.96 -32.84 -7.05
CA ALA C 78 12.27 -34.02 -6.58
C ALA C 78 10.81 -33.72 -6.37
N VAL C 79 9.97 -34.70 -6.68
CA VAL C 79 8.53 -34.58 -6.54
C VAL C 79 8.08 -35.06 -5.18
N GLN C 80 7.25 -34.29 -4.52
CA GLN C 80 6.50 -34.77 -3.37
C GLN C 80 5.10 -35.18 -3.87
N SER C 81 4.73 -36.45 -3.64
CA SER C 81 3.44 -36.99 -4.15
C SER C 81 2.27 -36.30 -3.51
N SER C 82 2.37 -36.09 -2.20
CA SER C 82 1.31 -35.42 -1.44
C SER C 82 1.88 -34.74 -0.16
N PRO C 83 1.20 -33.66 0.27
CA PRO C 83 1.75 -32.83 1.33
C PRO C 83 1.63 -33.47 2.70
N ASP C 84 2.57 -34.35 3.01
CA ASP C 84 2.48 -35.12 4.25
C ASP C 84 3.39 -34.55 5.37
N GLY C 85 3.64 -33.25 5.30
CA GLY C 85 4.49 -32.58 6.31
C GLY C 85 5.85 -32.14 5.79
N LEU C 86 6.50 -31.25 6.52
CA LEU C 86 7.79 -30.71 6.06
C LEU C 86 8.95 -31.65 6.37
N ALA C 87 8.84 -32.41 7.46
CA ALA C 87 9.85 -33.42 7.82
C ALA C 87 10.03 -34.43 6.72
N GLN C 88 9.04 -34.53 5.84
CA GLN C 88 9.14 -35.42 4.71
C GLN C 88 10.17 -34.95 3.65
N ALA C 89 10.68 -33.74 3.80
CA ALA C 89 11.69 -33.23 2.88
C ALA C 89 12.93 -34.04 3.06
N PHE C 90 13.22 -34.39 4.29
CA PHE C 90 14.40 -35.17 4.56
C PHE C 90 14.26 -36.62 4.12
N ILE C 91 13.02 -37.10 4.01
CA ILE C 91 12.78 -38.47 3.56
C ILE C 91 12.88 -38.57 2.04
N ILE C 92 12.16 -37.68 1.35
CA ILE C 92 12.27 -37.52 -0.10
C ILE C 92 13.68 -37.12 -0.53
N GLY C 93 14.44 -36.53 0.37
CA GLY C 93 15.74 -36.00 0.02
C GLY C 93 16.87 -36.78 0.62
N GLU C 94 16.67 -38.08 0.75
CA GLU C 94 17.67 -38.96 1.34
C GLU C 94 18.90 -39.12 0.44
N GLU C 95 18.67 -39.39 -0.85
CA GLU C 95 19.75 -39.51 -1.87
C GLU C 95 20.61 -38.26 -1.89
N PHE C 96 19.94 -37.13 -2.10
CA PHE C 96 20.57 -35.84 -2.24
C PHE C 96 21.44 -35.56 -1.02
N ILE C 97 20.84 -35.72 0.17
CA ILE C 97 21.50 -35.31 1.43
C ILE C 97 22.71 -36.16 1.66
N GLY C 98 22.58 -37.46 1.32
CA GLY C 98 23.54 -38.47 1.62
C GLY C 98 24.09 -38.31 2.99
N ASP C 99 25.37 -38.01 3.03
CA ASP C 99 26.21 -38.16 4.17
C ASP C 99 26.39 -36.82 4.91
N ASP C 100 25.67 -35.80 4.45
CA ASP C 100 26.00 -34.39 4.74
C ASP C 100 25.04 -33.69 5.74
N ASN C 101 25.41 -32.47 6.12
CA ASN C 101 24.49 -31.54 6.78
C ASN C 101 23.58 -30.83 5.77
N VAL C 102 22.36 -30.55 6.20
CA VAL C 102 21.34 -30.10 5.28
C VAL C 102 20.54 -28.94 5.88
N ALA C 103 20.22 -27.96 5.05
CA ALA C 103 19.37 -26.83 5.48
C ALA C 103 18.01 -26.92 4.78
N LEU C 104 16.93 -26.73 5.56
CA LEU C 104 15.60 -26.67 4.99
C LEU C 104 15.06 -25.24 5.03
N VAL C 105 14.58 -24.76 3.90
CA VAL C 105 13.88 -23.50 3.89
C VAL C 105 12.50 -23.59 3.21
N LEU C 106 11.48 -22.99 3.82
CA LEU C 106 10.12 -23.02 3.25
C LEU C 106 10.01 -22.01 2.12
N GLY C 107 9.40 -22.44 1.02
CA GLY C 107 9.51 -21.73 -0.25
C GLY C 107 8.63 -20.53 -0.30
N ASP C 108 7.83 -20.37 0.74
CA ASP C 108 6.94 -19.24 0.82
C ASP C 108 7.35 -18.33 1.97
N ASN C 109 8.57 -18.57 2.49
CA ASN C 109 9.17 -17.76 3.54
C ASN C 109 10.10 -16.65 3.03
N ILE C 110 9.89 -15.45 3.58
CA ILE C 110 10.70 -14.29 3.24
C ILE C 110 11.33 -13.65 4.47
N PHE C 111 12.65 -13.55 4.40
CA PHE C 111 13.55 -13.06 5.43
C PHE C 111 14.27 -11.84 4.92
N TYR C 112 14.42 -10.83 5.78
CA TYR C 112 15.18 -9.64 5.46
C TYR C 112 15.59 -8.87 6.68
N GLY C 113 16.83 -8.43 6.69
CA GLY C 113 17.33 -7.57 7.76
C GLY C 113 18.83 -7.42 7.69
N HIS C 114 19.35 -6.49 8.47
CA HIS C 114 20.77 -6.20 8.52
C HIS C 114 21.59 -7.31 9.23
N GLY C 115 22.74 -7.66 8.65
CA GLY C 115 23.62 -8.64 9.27
C GLY C 115 23.00 -10.02 9.25
N PHE C 116 21.90 -10.16 8.52
CA PHE C 116 21.31 -11.45 8.33
C PHE C 116 22.30 -12.46 7.73
N THR C 117 23.11 -12.04 6.78
CA THR C 117 24.00 -13.02 6.21
C THR C 117 25.12 -13.58 7.14
N GLU C 118 25.56 -12.81 8.14
CA GLU C 118 26.53 -13.35 9.13
C GLU C 118 25.90 -14.45 9.98
N LEU C 119 24.60 -14.32 10.26
CA LEU C 119 23.86 -15.35 11.02
C LEU C 119 23.71 -16.64 10.19
N LEU C 120 23.19 -16.50 8.98
CA LEU C 120 23.07 -17.61 8.06
C LEU C 120 24.39 -18.36 7.90
N GLN C 121 25.48 -17.62 7.78
CA GLN C 121 26.79 -18.22 7.55
C GLN C 121 27.37 -18.86 8.81
N ARG C 122 26.97 -18.40 9.99
CA ARG C 122 27.34 -19.07 11.23
C ARG C 122 26.67 -20.39 11.25
N ALA C 123 25.38 -20.39 10.87
CA ALA C 123 24.53 -21.56 10.99
C ALA C 123 24.97 -22.64 10.02
N ALA C 124 24.96 -22.34 8.72
CA ALA C 124 25.73 -23.15 7.78
C ALA C 124 27.13 -22.97 8.28
N ASN C 125 27.89 -24.06 8.37
CA ASN C 125 29.22 -24.01 8.99
C ASN C 125 29.28 -24.71 10.30
N ARG C 126 28.15 -24.96 10.93
CA ARG C 126 28.15 -25.89 12.06
C ARG C 126 28.17 -27.32 11.56
N LYS C 127 28.99 -28.14 12.19
CA LYS C 127 29.17 -29.46 11.71
C LYS C 127 28.38 -30.37 12.59
N SER C 128 27.62 -29.77 13.52
CA SER C 128 26.84 -30.53 14.49
C SER C 128 25.75 -29.74 15.18
N GLY C 129 24.60 -30.38 15.37
CA GLY C 129 23.46 -29.77 16.05
C GLY C 129 22.39 -29.24 15.10
N ALA C 130 21.41 -28.55 15.66
CA ALA C 130 20.35 -27.92 14.89
C ALA C 130 20.28 -26.42 15.23
N THR C 131 20.30 -25.58 14.21
CA THR C 131 19.95 -24.19 14.45
C THR C 131 18.56 -23.84 13.89
N ILE C 132 17.70 -23.30 14.74
CA ILE C 132 16.46 -22.72 14.28
C ILE C 132 16.46 -21.22 14.49
N PHE C 133 15.41 -20.54 14.00
CA PHE C 133 15.34 -19.08 14.02
C PHE C 133 14.02 -18.62 14.58
N GLY C 134 14.07 -17.99 15.75
CA GLY C 134 12.88 -17.46 16.40
C GLY C 134 12.66 -15.99 16.11
N TYR C 135 11.44 -15.55 16.29
CA TYR C 135 11.01 -14.21 15.87
C TYR C 135 9.71 -13.85 16.57
N ASN C 136 9.69 -12.69 17.19
CA ASN C 136 8.53 -12.24 17.94
C ASN C 136 7.38 -11.84 16.99
N VAL C 137 6.24 -12.54 17.10
CA VAL C 137 5.09 -12.35 16.19
C VAL C 137 3.78 -12.04 16.90
N LYS C 138 2.78 -11.68 16.10
CA LYS C 138 1.54 -11.13 16.61
C LYS C 138 0.55 -12.17 17.12
N ASP C 139 0.53 -13.36 16.52
CA ASP C 139 -0.33 -14.44 17.02
C ASP C 139 0.40 -15.73 17.02
N PRO C 140 1.32 -15.92 17.98
CA PRO C 140 2.26 -17.05 17.97
C PRO C 140 1.56 -18.40 17.85
N GLN C 141 0.36 -18.52 18.40
CA GLN C 141 -0.43 -19.76 18.27
C GLN C 141 -0.54 -20.26 16.83
N ARG C 142 -0.41 -19.36 15.85
CA ARG C 142 -0.43 -19.71 14.42
C ARG C 142 0.82 -20.52 14.01
N PHE C 143 1.82 -20.60 14.88
CA PHE C 143 3.16 -21.11 14.48
C PHE C 143 3.73 -22.08 15.50
N GLY C 144 4.79 -22.80 15.10
CA GLY C 144 5.69 -23.41 16.09
C GLY C 144 6.21 -22.34 17.04
N VAL C 145 6.19 -22.63 18.33
CA VAL C 145 6.56 -21.64 19.33
C VAL C 145 7.74 -22.17 20.12
N VAL C 146 8.67 -21.29 20.44
CA VAL C 146 9.83 -21.69 21.20
C VAL C 146 9.91 -20.85 22.47
N GLU C 147 10.03 -21.49 23.63
CA GLU C 147 10.37 -20.76 24.86
C GLU C 147 11.79 -21.09 25.33
N PHE C 148 12.44 -20.10 25.94
CA PHE C 148 13.85 -20.20 26.30
C PHE C 148 14.19 -19.53 27.61
N ASP C 149 15.48 -19.65 28.00
CA ASP C 149 16.13 -18.94 29.14
C ASP C 149 17.26 -19.80 29.77
N GLU C 150 18.07 -19.21 30.66
CA GLU C 150 18.14 -17.76 30.84
C GLU C 150 18.99 -17.15 29.77
N LYS C 151 20.05 -17.88 29.41
CA LYS C 151 20.93 -17.50 28.31
C LYS C 151 20.13 -17.49 27.02
N GLY C 152 18.84 -17.79 27.14
CA GLY C 152 18.04 -18.16 26.01
C GLY C 152 18.47 -19.51 25.48
N LYS C 153 18.53 -20.52 26.34
CA LYS C 153 18.50 -21.89 25.85
C LYS C 153 17.08 -22.42 25.94
N VAL C 154 16.69 -23.11 24.89
CA VAL C 154 15.33 -23.60 24.71
C VAL C 154 14.86 -24.44 25.89
N ILE C 155 13.66 -24.17 26.39
CA ILE C 155 13.07 -25.07 27.38
C ILE C 155 12.06 -26.04 26.75
N SER C 156 11.31 -25.55 25.76
CA SER C 156 10.29 -26.36 25.09
C SER C 156 10.08 -25.85 23.67
N ILE C 157 9.41 -26.66 22.85
CA ILE C 157 8.97 -26.22 21.53
C ILE C 157 7.68 -26.93 21.09
N GLU C 158 6.56 -26.22 21.21
CA GLU C 158 5.21 -26.73 20.89
C GLU C 158 4.71 -26.22 19.53
N GLU C 159 4.12 -27.13 18.74
CA GLU C 159 3.48 -26.77 17.47
C GLU C 159 2.06 -26.26 17.63
N LYS C 160 1.87 -24.96 17.40
CA LYS C 160 0.55 -24.31 17.43
C LYS C 160 -0.22 -24.44 18.75
N PRO C 161 0.45 -24.21 19.88
CA PRO C 161 -0.19 -24.30 21.19
C PRO C 161 -1.34 -23.32 21.35
N GLU C 162 -2.45 -23.81 21.89
CA GLU C 162 -3.58 -22.96 22.23
C GLU C 162 -3.18 -21.97 23.34
N GLU C 163 -2.15 -22.35 24.10
CA GLU C 163 -1.58 -21.53 25.17
C GLU C 163 -0.06 -21.43 25.00
N PRO C 164 0.42 -20.42 24.24
CA PRO C 164 1.84 -20.37 23.92
C PRO C 164 2.68 -19.86 25.09
N LYS C 165 3.79 -20.56 25.36
CA LYS C 165 4.69 -20.25 26.48
C LYS C 165 5.50 -18.97 26.23
N SER C 166 5.68 -18.63 24.96
CA SER C 166 6.36 -17.41 24.56
C SER C 166 5.69 -16.83 23.34
N SER C 167 6.21 -15.73 22.85
CA SER C 167 5.66 -15.12 21.66
C SER C 167 6.65 -15.26 20.47
N TYR C 168 7.59 -16.19 20.60
CA TYR C 168 8.61 -16.35 19.61
C TYR C 168 8.30 -17.52 18.69
N ALA C 169 7.89 -17.19 17.49
CA ALA C 169 7.52 -18.18 16.51
C ALA C 169 8.75 -18.80 15.92
N VAL C 170 8.63 -20.04 15.48
CA VAL C 170 9.72 -20.72 14.77
C VAL C 170 9.48 -20.62 13.27
N THR C 171 10.36 -19.84 12.63
CA THR C 171 10.27 -19.49 11.25
C THR C 171 10.68 -20.71 10.41
N GLY C 172 10.36 -20.70 9.10
CA GLY C 172 10.61 -21.86 8.24
C GLY C 172 12.01 -21.89 7.68
N LEU C 173 13.00 -21.76 8.53
CA LEU C 173 14.38 -21.89 8.10
C LEU C 173 15.12 -22.70 9.11
N TYR C 174 15.67 -23.84 8.69
CA TYR C 174 16.28 -24.78 9.64
C TYR C 174 17.63 -25.32 9.15
N PHE C 175 18.56 -25.49 10.10
CA PHE C 175 19.91 -26.02 9.80
C PHE C 175 20.17 -27.27 10.62
N TYR C 176 20.51 -28.36 9.95
CA TYR C 176 20.58 -29.66 10.60
C TYR C 176 21.87 -30.36 10.24
N ASP C 177 22.39 -31.13 11.19
CA ASP C 177 23.41 -32.14 10.84
C ASP C 177 22.76 -33.36 10.16
N ASN C 178 23.58 -34.36 9.83
CA ASN C 178 23.14 -35.48 9.01
C ASN C 178 22.20 -36.46 9.73
N ARG C 179 22.10 -36.28 11.04
CA ARG C 179 21.20 -37.10 11.79
C ARG C 179 19.75 -36.84 11.44
N VAL C 180 19.46 -35.69 10.85
CA VAL C 180 18.07 -35.26 10.73
C VAL C 180 17.23 -36.28 9.96
N VAL C 181 17.84 -36.91 8.94
CA VAL C 181 17.13 -37.89 8.12
C VAL C 181 16.64 -39.14 8.91
N ASP C 182 17.45 -39.68 9.79
CA ASP C 182 16.97 -40.80 10.57
C ASP C 182 16.04 -40.37 11.70
N ILE C 183 16.13 -39.11 12.13
CA ILE C 183 15.15 -38.60 13.09
C ILE C 183 13.80 -38.54 12.42
N ALA C 184 13.81 -38.06 11.17
CA ALA C 184 12.61 -37.90 10.35
C ALA C 184 11.93 -39.22 10.03
N LYS C 185 12.73 -40.27 9.85
CA LYS C 185 12.25 -41.53 9.33
C LYS C 185 11.38 -42.25 10.32
N ASN C 186 11.64 -42.04 11.62
CA ASN C 186 10.83 -42.69 12.68
C ASN C 186 10.20 -41.75 13.72
N ILE C 187 9.72 -40.61 13.29
CA ILE C 187 8.67 -39.91 14.04
C ILE C 187 7.40 -39.99 13.21
N THR C 188 6.24 -39.91 13.87
CA THR C 188 4.98 -40.35 13.25
C THR C 188 3.99 -39.21 13.06
N PRO C 189 3.07 -39.37 12.08
CA PRO C 189 2.01 -38.38 11.76
C PRO C 189 1.29 -37.83 12.99
N SER C 190 1.13 -36.52 13.06
CA SER C 190 0.40 -35.85 14.15
C SER C 190 -1.11 -35.91 13.93
N ALA C 191 -1.87 -35.45 14.92
CA ALA C 191 -3.34 -35.33 14.82
C ALA C 191 -3.81 -34.71 13.48
N ARG C 192 -2.94 -33.91 12.87
CA ARG C 192 -3.27 -33.18 11.65
C ARG C 192 -2.90 -34.01 10.42
N GLY C 193 -2.22 -35.13 10.66
CA GLY C 193 -1.87 -36.09 9.63
C GLY C 193 -0.61 -35.73 8.88
N GLU C 194 0.32 -35.07 9.56
CA GLU C 194 1.57 -34.61 8.93
C GLU C 194 2.79 -34.95 9.77
N LEU C 195 3.89 -35.21 9.10
CA LEU C 195 5.15 -35.40 9.78
C LEU C 195 5.71 -34.02 10.04
N GLU C 196 5.81 -33.69 11.31
CA GLU C 196 5.93 -32.30 11.75
C GLU C 196 7.38 -31.87 11.98
N ILE C 197 7.71 -30.63 11.60
CA ILE C 197 9.05 -30.12 11.86
C ILE C 197 9.30 -29.85 13.39
N THR C 198 8.23 -29.52 14.13
CA THR C 198 8.37 -29.33 15.57
C THR C 198 8.91 -30.57 16.30
N ASP C 199 8.44 -31.76 15.93
CA ASP C 199 8.97 -33.03 16.45
C ASP C 199 10.42 -33.39 15.96
N VAL C 200 10.82 -32.90 14.80
CA VAL C 200 12.24 -33.00 14.41
C VAL C 200 13.08 -32.15 15.38
N ASN C 201 12.61 -30.94 15.62
CA ASN C 201 13.32 -30.05 16.50
C ASN C 201 13.25 -30.54 17.94
N LYS C 202 12.15 -31.21 18.30
CA LYS C 202 12.02 -31.76 19.63
C LYS C 202 13.15 -32.78 19.91
N ALA C 203 13.49 -33.56 18.89
CA ALA C 203 14.52 -34.58 19.01
C ALA C 203 15.91 -33.98 19.24
N TYR C 204 16.21 -32.91 18.54
CA TYR C 204 17.49 -32.28 18.70
C TYR C 204 17.60 -31.63 20.09
N LEU C 205 16.45 -31.26 20.65
CA LEU C 205 16.38 -30.77 21.99
C LEU C 205 16.64 -31.94 22.92
N GLU C 206 16.06 -33.09 22.60
CA GLU C 206 16.39 -34.31 23.32
C GLU C 206 17.92 -34.56 23.30
N LEU C 207 18.52 -34.48 22.10
CA LEU C 207 19.97 -34.75 21.90
C LEU C 207 20.91 -33.66 22.47
N GLY C 208 20.31 -32.55 22.93
CA GLY C 208 21.02 -31.49 23.64
C GLY C 208 21.77 -30.56 22.71
N GLU C 209 21.31 -30.47 21.46
CA GLU C 209 22.01 -29.67 20.47
C GLU C 209 21.04 -28.87 19.61
N LEU C 210 19.92 -28.42 20.20
CA LEU C 210 19.05 -27.44 19.51
C LEU C 210 19.44 -25.98 19.82
N HIS C 211 20.11 -25.33 18.86
CA HIS C 211 20.38 -23.87 18.96
C HIS C 211 19.29 -22.99 18.30
N VAL C 212 18.99 -21.86 18.95
CA VAL C 212 18.14 -20.83 18.36
C VAL C 212 18.95 -19.57 18.08
N GLU C 213 18.86 -19.05 16.85
CA GLU C 213 19.08 -17.61 16.63
C GLU C 213 17.75 -16.86 16.81
N LEU C 214 17.69 -15.95 17.79
CA LEU C 214 16.55 -15.02 17.83
C LEU C 214 16.77 -13.87 16.86
N LEU C 215 15.85 -13.73 15.93
CA LEU C 215 15.84 -12.58 15.07
C LEU C 215 15.09 -11.53 15.81
N GLY C 216 15.71 -10.37 16.02
CA GLY C 216 15.08 -9.30 16.80
C GLY C 216 14.19 -8.49 15.91
N ARG C 217 13.48 -7.53 16.50
CA ARG C 217 12.46 -6.75 15.77
C ARG C 217 12.99 -5.93 14.59
N GLY C 218 14.30 -5.85 14.42
CA GLY C 218 14.85 -5.23 13.21
C GLY C 218 14.80 -6.06 11.93
N PHE C 219 14.55 -7.36 12.06
CA PHE C 219 14.39 -8.21 10.90
C PHE C 219 12.95 -8.23 10.47
N ALA C 220 12.74 -8.45 9.19
CA ALA C 220 11.45 -8.79 8.65
C ALA C 220 11.41 -10.28 8.42
N TRP C 221 10.34 -10.90 8.90
CA TRP C 221 10.00 -12.24 8.44
C TRP C 221 8.53 -12.31 8.00
N LEU C 222 8.33 -12.65 6.73
CA LEU C 222 6.99 -12.80 6.21
C LEU C 222 6.78 -14.15 5.52
N ASP C 223 5.55 -14.64 5.56
CA ASP C 223 5.19 -15.83 4.77
C ASP C 223 3.98 -15.48 3.90
N THR C 224 3.93 -16.08 2.74
CA THR C 224 3.10 -15.59 1.71
C THR C 224 1.71 -16.24 1.71
N GLY C 225 1.18 -16.51 2.91
CA GLY C 225 0.14 -17.50 3.04
C GLY C 225 -1.12 -17.15 2.29
N THR C 226 -1.61 -15.95 2.57
CA THR C 226 -2.89 -15.51 2.12
C THR C 226 -2.71 -14.39 1.09
N HIS C 227 -3.84 -13.91 0.55
CA HIS C 227 -3.83 -12.85 -0.43
C HIS C 227 -3.38 -11.57 0.16
N GLU C 228 -3.73 -11.39 1.42
CA GLU C 228 -3.34 -10.24 2.21
C GLU C 228 -1.85 -10.19 2.46
N SER C 229 -1.30 -11.28 2.97
CA SER C 229 0.15 -11.36 3.24
C SER C 229 0.95 -11.25 1.93
N LEU C 230 0.51 -11.96 0.88
CA LEU C 230 1.14 -11.86 -0.43
C LEU C 230 1.36 -10.40 -0.80
N LEU C 231 0.29 -9.62 -0.77
CA LEU C 231 0.30 -8.28 -1.23
C LEU C 231 1.09 -7.39 -0.27
N GLN C 232 0.92 -7.62 1.04
CA GLN C 232 1.77 -6.99 2.07
C GLN C 232 3.24 -7.23 1.82
N ALA C 233 3.63 -8.48 1.54
CA ALA C 233 5.03 -8.75 1.37
C ALA C 233 5.52 -8.00 0.15
N SER C 234 4.67 -7.95 -0.87
CA SER C 234 4.96 -7.18 -2.07
C SER C 234 5.19 -5.67 -1.77
N GLN C 235 4.27 -5.02 -1.03
CA GLN C 235 4.43 -3.58 -0.74
C GLN C 235 5.76 -3.37 -0.07
N PHE C 236 6.14 -4.31 0.78
CA PHE C 236 7.34 -4.16 1.60
C PHE C 236 8.58 -4.28 0.73
N ILE C 237 8.61 -5.26 -0.18
CA ILE C 237 9.73 -5.38 -1.09
C ILE C 237 9.90 -4.11 -1.94
N GLU C 238 8.83 -3.58 -2.50
CA GLU C 238 8.96 -2.38 -3.32
C GLU C 238 9.37 -1.14 -2.56
N THR C 239 8.99 -1.04 -1.30
CA THR C 239 9.43 0.09 -0.46
C THR C 239 10.97 0.09 -0.24
N ILE C 240 11.50 -1.09 0.07
CA ILE C 240 12.93 -1.24 0.24
C ILE C 240 13.66 -0.94 -1.05
N GLU C 241 13.17 -1.50 -2.15
CA GLU C 241 13.86 -1.39 -3.44
C GLU C 241 13.79 -0.01 -4.08
N LYS C 242 12.61 0.61 -4.13
CA LYS C 242 12.46 1.94 -4.75
C LYS C 242 13.45 2.99 -4.16
N ARG C 243 13.54 2.99 -2.82
CA ARG C 243 14.43 3.83 -2.06
C ARG C 243 15.91 3.61 -2.38
N GLN C 244 16.36 2.35 -2.27
CA GLN C 244 17.80 2.05 -2.29
C GLN C 244 18.36 1.90 -3.70
N SER C 245 17.49 1.70 -4.68
CA SER C 245 17.93 1.21 -5.96
C SER C 245 18.84 -0.03 -5.82
N LEU C 246 18.69 -0.79 -4.74
CA LEU C 246 19.29 -2.12 -4.66
C LEU C 246 18.14 -3.09 -4.68
N LYS C 247 18.36 -4.33 -5.09
CA LYS C 247 17.30 -5.31 -5.08
C LYS C 247 17.45 -6.38 -3.98
N VAL C 248 16.31 -6.92 -3.53
CA VAL C 248 16.29 -8.06 -2.60
C VAL C 248 16.15 -9.38 -3.37
N ALA C 249 16.99 -10.35 -3.04
CA ALA C 249 16.81 -11.67 -3.57
C ALA C 249 16.99 -11.76 -5.11
N CYS C 250 17.75 -10.83 -5.67
CA CYS C 250 18.21 -10.98 -7.05
C CYS C 250 19.31 -12.04 -7.13
N LEU C 251 19.00 -13.19 -7.72
CA LEU C 251 19.86 -14.39 -7.58
C LEU C 251 21.27 -14.18 -8.16
N GLU C 252 21.32 -13.51 -9.30
CA GLU C 252 22.51 -13.32 -10.07
C GLU C 252 23.44 -12.37 -9.33
N GLU C 253 22.86 -11.32 -8.73
CA GLU C 253 23.65 -10.44 -7.91
C GLU C 253 24.29 -11.21 -6.77
N ILE C 254 23.56 -12.16 -6.23
CA ILE C 254 24.03 -12.85 -5.07
C ILE C 254 25.13 -13.83 -5.48
N ALA C 255 24.91 -14.50 -6.61
CA ALA C 255 25.91 -15.40 -7.18
C ALA C 255 27.28 -14.68 -7.31
N TYR C 256 27.23 -13.50 -7.90
CA TYR C 256 28.40 -12.68 -8.06
C TYR C 256 28.99 -12.23 -6.74
N ARG C 257 28.22 -11.45 -5.96
CA ARG C 257 28.73 -10.95 -4.69
C ARG C 257 29.33 -12.02 -3.82
N MET C 258 28.78 -13.23 -3.90
CA MET C 258 29.15 -14.34 -3.05
C MET C 258 30.35 -15.07 -3.63
N GLY C 259 30.62 -14.83 -4.92
CA GLY C 259 31.82 -15.35 -5.55
C GLY C 259 31.58 -16.61 -6.35
N TYR C 260 30.30 -17.03 -6.46
CA TYR C 260 29.97 -18.23 -7.24
C TYR C 260 30.16 -18.00 -8.75
N ILE C 261 30.12 -16.75 -9.18
CA ILE C 261 30.37 -16.45 -10.58
C ILE C 261 31.34 -15.29 -10.73
N SER C 262 31.95 -15.18 -11.91
CA SER C 262 32.87 -14.12 -12.20
C SER C 262 32.08 -12.97 -12.71
N ARG C 263 32.65 -11.77 -12.56
CA ARG C 263 32.18 -10.55 -13.21
C ARG C 263 31.85 -10.80 -14.68
N GLU C 264 32.71 -11.55 -15.35
CA GLU C 264 32.52 -11.91 -16.74
C GLU C 264 31.20 -12.63 -16.98
N GLN C 265 30.89 -13.59 -16.13
CA GLN C 265 29.71 -14.40 -16.33
C GLN C 265 28.46 -13.63 -15.98
N LEU C 266 28.56 -12.70 -15.02
CA LEU C 266 27.46 -11.80 -14.71
C LEU C 266 27.07 -10.99 -15.95
N ILE C 267 28.09 -10.51 -16.65
CA ILE C 267 27.88 -9.74 -17.88
C ILE C 267 27.19 -10.54 -18.97
N LYS C 268 27.52 -11.83 -19.03
CA LYS C 268 26.93 -12.76 -19.99
C LYS C 268 25.45 -12.99 -19.66
N LEU C 269 25.10 -12.86 -18.37
CA LEU C 269 23.71 -12.95 -17.90
C LEU C 269 22.96 -11.66 -18.15
N ALA C 270 23.53 -10.53 -17.77
CA ALA C 270 22.88 -9.22 -18.02
C ALA C 270 22.52 -9.03 -19.50
N GLU C 271 23.36 -9.57 -20.39
CA GLU C 271 23.35 -9.21 -21.82
C GLU C 271 22.02 -9.47 -22.52
N PRO C 272 21.50 -10.69 -22.41
CA PRO C 272 20.23 -10.94 -23.07
C PRO C 272 19.04 -10.19 -22.38
N LEU C 273 19.24 -9.74 -21.14
CA LEU C 273 18.14 -9.15 -20.39
C LEU C 273 18.15 -7.62 -20.44
N MET C 274 19.00 -7.06 -21.29
CA MET C 274 19.17 -5.59 -21.39
C MET C 274 17.92 -4.82 -21.85
N LYS C 275 16.93 -5.54 -22.37
CA LYS C 275 15.66 -4.91 -22.71
C LYS C 275 14.75 -4.61 -21.48
N ASN C 276 14.94 -5.35 -20.37
CA ASN C 276 14.19 -5.10 -19.12
C ASN C 276 15.06 -4.52 -18.02
N GLU C 277 14.43 -3.99 -16.98
CA GLU C 277 15.13 -3.21 -15.97
C GLU C 277 15.96 -4.12 -15.03
N TYR C 278 15.64 -5.40 -15.07
CA TYR C 278 16.32 -6.35 -14.26
C TYR C 278 17.69 -6.63 -14.86
N GLY C 279 17.75 -6.82 -16.17
CA GLY C 279 19.01 -6.98 -16.88
C GLY C 279 19.90 -5.76 -16.72
N GLN C 280 19.29 -4.59 -16.85
CA GLN C 280 19.97 -3.35 -16.62
C GLN C 280 20.57 -3.29 -15.23
N TYR C 281 19.84 -3.83 -14.24
CA TYR C 281 20.31 -3.78 -12.85
C TYR C 281 21.59 -4.62 -12.70
N LEU C 282 21.50 -5.89 -13.08
CA LEU C 282 22.69 -6.73 -13.21
C LEU C 282 23.83 -6.01 -13.92
N MET C 283 23.53 -5.32 -15.01
CA MET C 283 24.59 -4.68 -15.81
C MET C 283 25.31 -3.51 -15.09
N ASN C 284 24.54 -2.65 -14.43
CA ASN C 284 25.12 -1.59 -13.58
C ASN C 284 26.05 -2.14 -12.49
N LEU C 285 25.74 -3.34 -12.01
CA LEU C 285 26.52 -3.97 -10.93
C LEU C 285 27.88 -4.50 -11.42
N ALA C 286 27.86 -5.20 -12.55
CA ALA C 286 29.09 -5.54 -13.30
C ALA C 286 29.99 -4.33 -13.55
N HIS C 287 29.38 -3.18 -13.81
CA HIS C 287 30.11 -1.94 -14.00
C HIS C 287 30.68 -1.35 -12.68
N ARG C 288 29.80 -1.08 -11.70
CA ARG C 288 30.15 -0.39 -10.42
C ARG C 288 31.37 -0.99 -9.69
N MET D 1 26.29 13.27 26.26
CA MET D 1 26.00 13.91 24.95
C MET D 1 24.63 14.61 24.92
N LYS D 2 24.55 15.73 24.21
CA LYS D 2 23.26 16.41 23.96
C LYS D 2 22.64 15.99 22.59
N GLY D 3 21.36 16.27 22.44
CA GLY D 3 20.68 16.00 21.19
C GLY D 3 19.88 17.20 20.75
N ILE D 4 19.85 17.41 19.44
CA ILE D 4 19.07 18.47 18.84
C ILE D 4 18.25 17.89 17.69
N ILE D 5 16.93 18.13 17.72
CA ILE D 5 16.03 17.79 16.58
C ILE D 5 15.57 19.03 15.82
N LEU D 6 15.95 19.11 14.55
CA LEU D 6 15.56 20.24 13.73
C LEU D 6 14.20 19.95 13.08
N SER D 7 13.19 20.68 13.57
CA SER D 7 11.82 20.38 13.27
C SER D 7 11.12 21.65 12.76
N GLY D 8 11.72 22.31 11.76
CA GLY D 8 11.16 23.55 11.23
C GLY D 8 10.72 23.42 9.78
N GLY D 9 11.08 24.42 8.97
CA GLY D 9 10.62 24.48 7.57
C GLY D 9 9.17 24.90 7.43
N SER D 10 8.83 25.53 6.30
CA SER D 10 7.46 26.05 6.10
C SER D 10 6.48 25.02 5.51
N GLY D 11 6.91 23.78 5.35
CA GLY D 11 6.04 22.77 4.78
C GLY D 11 5.37 23.28 3.50
N THR D 12 6.19 23.51 2.49
CA THR D 12 5.72 23.95 1.23
C THR D 12 5.20 22.74 0.47
N ARG D 13 6.01 21.68 0.43
CA ARG D 13 5.68 20.53 -0.41
C ARG D 13 4.54 19.65 0.11
N LEU D 14 4.19 19.77 1.38
CA LEU D 14 3.10 18.98 1.91
C LEU D 14 1.79 19.75 1.96
N TYR D 15 1.79 20.98 1.44
CA TYR D 15 0.59 21.81 1.46
C TYR D 15 -0.53 21.07 0.72
N PRO D 16 -1.79 21.17 1.19
CA PRO D 16 -2.32 21.97 2.31
C PRO D 16 -2.24 21.27 3.65
N LEU D 17 -1.56 20.12 3.72
CA LEU D 17 -1.46 19.34 4.94
C LEU D 17 -0.88 20.18 6.05
N THR D 18 0.13 20.97 5.71
CA THR D 18 0.94 21.66 6.69
C THR D 18 0.50 23.07 6.75
N LYS D 19 -0.78 23.30 6.76
CA LYS D 19 -1.27 24.64 6.67
C LYS D 19 -1.64 25.13 8.06
N VAL D 20 -2.29 24.25 8.83
CA VAL D 20 -2.61 24.54 10.22
C VAL D 20 -1.95 23.53 11.13
N VAL D 21 -1.16 22.65 10.55
CA VAL D 21 -0.49 21.58 11.32
C VAL D 21 0.95 21.47 10.91
N SER D 22 1.85 21.41 11.87
CA SER D 22 3.23 21.33 11.48
C SER D 22 3.65 19.96 10.96
N LYS D 23 4.60 19.97 10.05
CA LYS D 23 4.94 18.80 9.29
C LYS D 23 5.31 17.60 10.19
N GLN D 24 6.17 17.83 11.18
CA GLN D 24 6.69 16.73 12.01
C GLN D 24 5.66 16.29 13.07
N LEU D 25 4.47 16.87 13.01
CA LEU D 25 3.35 16.39 13.79
C LEU D 25 2.35 15.54 12.97
N LEU D 26 2.57 15.45 11.66
CA LEU D 26 1.72 14.61 10.83
C LEU D 26 1.96 13.13 11.15
N PRO D 27 1.00 12.25 10.84
CA PRO D 27 1.20 10.86 11.20
C PRO D 27 2.22 10.16 10.30
N VAL D 28 3.05 9.30 10.89
CA VAL D 28 3.74 8.25 10.15
C VAL D 28 3.16 6.94 10.61
N TYR D 29 2.13 6.51 9.89
CA TYR D 29 1.28 5.39 10.31
C TYR D 29 0.50 5.62 11.59
N ASP D 30 1.14 5.51 12.75
CA ASP D 30 0.37 5.46 14.01
C ASP D 30 0.92 6.30 15.16
N LYS D 31 1.77 7.25 14.82
CA LYS D 31 2.32 8.18 15.81
C LYS D 31 2.91 9.36 15.06
N PRO D 32 3.00 10.54 15.71
CA PRO D 32 3.58 11.71 15.06
C PRO D 32 4.95 11.45 14.48
N MET D 33 5.25 12.09 13.38
CA MET D 33 6.55 11.98 12.74
C MET D 33 7.69 12.20 13.74
N VAL D 34 7.55 13.21 14.57
CA VAL D 34 8.63 13.59 15.48
C VAL D 34 9.10 12.44 16.41
N TYR D 35 8.21 11.49 16.68
CA TYR D 35 8.56 10.36 17.52
C TYR D 35 9.74 9.60 16.95
N TYR D 36 9.85 9.58 15.62
CA TYR D 36 10.79 8.69 14.97
C TYR D 36 12.23 9.13 15.21
N PRO D 37 12.55 10.39 14.86
CA PRO D 37 13.87 10.90 15.21
C PRO D 37 14.09 11.07 16.72
N LEU D 38 13.04 11.36 17.47
CA LEU D 38 13.26 11.44 18.89
C LEU D 38 13.76 10.06 19.43
N SER D 39 13.16 8.99 18.93
CA SER D 39 13.44 7.66 19.45
C SER D 39 14.90 7.34 19.22
N VAL D 40 15.39 7.69 18.04
CA VAL D 40 16.80 7.53 17.72
C VAL D 40 17.77 8.20 18.75
N LEU D 41 17.50 9.43 19.13
CA LEU D 41 18.34 10.09 20.13
C LEU D 41 18.27 9.39 21.50
N MET D 42 17.06 8.94 21.86
CA MET D 42 16.92 8.19 23.09
C MET D 42 17.70 6.89 23.02
N LEU D 43 17.66 6.22 21.86
CA LEU D 43 18.35 4.95 21.68
C LEU D 43 19.87 5.10 21.67
N ALA D 44 20.35 6.26 21.23
CA ALA D 44 21.75 6.56 21.28
C ALA D 44 22.15 6.79 22.76
N GLY D 45 21.16 6.83 23.63
CA GLY D 45 21.42 7.09 25.03
C GLY D 45 21.58 8.56 25.35
N ILE D 46 21.11 9.42 24.47
CA ILE D 46 21.05 10.85 24.77
C ILE D 46 19.78 11.19 25.52
N LYS D 47 19.93 11.86 26.67
CA LYS D 47 18.80 12.10 27.59
C LYS D 47 18.50 13.57 27.76
N ASP D 48 19.22 14.42 27.06
CA ASP D 48 19.06 15.88 27.20
C ASP D 48 19.03 16.53 25.81
N ILE D 49 17.84 16.99 25.40
CA ILE D 49 17.51 17.15 23.97
C ILE D 49 16.85 18.51 23.64
N LEU D 50 17.35 19.16 22.60
CA LEU D 50 16.74 20.39 22.12
C LEU D 50 15.94 20.18 20.83
N ILE D 51 14.67 20.55 20.88
CA ILE D 51 13.79 20.50 19.73
C ILE D 51 13.66 21.90 19.14
N ILE D 52 14.15 22.10 17.90
CA ILE D 52 14.01 23.41 17.20
C ILE D 52 12.83 23.46 16.21
N SER D 53 12.01 24.48 16.29
CA SER D 53 10.89 24.62 15.34
C SER D 53 10.50 26.07 15.06
N THR D 54 9.54 26.27 14.14
CA THR D 54 9.08 27.60 13.78
C THR D 54 8.39 28.26 14.98
N PRO D 55 8.23 29.62 14.94
CA PRO D 55 7.51 30.37 15.96
C PRO D 55 6.09 29.86 16.26
N GLU D 56 5.37 29.47 15.22
CA GLU D 56 3.97 29.05 15.37
C GLU D 56 3.82 27.56 15.72
N ASP D 57 4.83 26.75 15.39
CA ASP D 57 4.73 25.30 15.58
C ASP D 57 5.42 24.82 16.87
N THR D 58 6.50 25.50 17.24
CA THR D 58 7.22 25.20 18.48
C THR D 58 6.35 24.98 19.73
N PRO D 59 5.41 25.89 20.02
CA PRO D 59 4.58 25.58 21.22
C PRO D 59 3.83 24.24 21.11
N ARG D 60 3.54 23.80 19.88
CA ARG D 60 2.73 22.59 19.66
C ARG D 60 3.57 21.36 19.89
N PHE D 61 4.86 21.44 19.66
CA PHE D 61 5.72 20.37 20.08
C PHE D 61 5.79 20.26 21.61
N GLU D 62 5.89 21.39 22.28
CA GLU D 62 5.84 21.41 23.76
C GLU D 62 4.52 20.82 24.34
N GLN D 63 3.43 21.03 23.62
CA GLN D 63 2.12 20.49 24.02
C GLN D 63 2.03 18.98 23.86
N LEU D 64 2.77 18.43 22.91
CA LEU D 64 2.85 17.00 22.71
C LEU D 64 3.84 16.30 23.67
N LEU D 65 5.05 16.82 23.77
CA LEU D 65 6.13 16.11 24.44
C LEU D 65 6.47 16.65 25.82
N GLY D 66 5.95 17.83 26.17
CA GLY D 66 6.25 18.47 27.45
C GLY D 66 7.73 18.75 27.66
N GLY D 67 8.20 18.62 28.90
CA GLY D 67 9.60 18.83 29.24
C GLY D 67 10.41 17.56 29.41
N GLY D 68 9.76 16.40 29.41
CA GLY D 68 10.46 15.11 29.26
C GLY D 68 10.60 14.22 30.50
N SER D 69 10.26 14.77 31.67
CA SER D 69 10.15 13.99 32.90
C SER D 69 9.56 12.61 32.64
N GLU D 70 8.30 12.57 32.19
CA GLU D 70 7.60 11.31 31.96
C GLU D 70 8.46 10.29 31.19
N LEU D 71 9.34 10.78 30.33
CA LEU D 71 10.18 9.87 29.53
C LEU D 71 11.54 9.62 30.17
N GLY D 72 11.73 10.20 31.37
CA GLY D 72 13.00 10.14 32.08
C GLY D 72 14.08 10.91 31.36
N ILE D 73 13.70 11.71 30.38
CA ILE D 73 14.67 12.55 29.71
C ILE D 73 14.42 14.03 30.01
N SER D 74 15.26 14.89 29.48
CA SER D 74 15.07 16.31 29.61
C SER D 74 14.88 16.97 28.24
N LEU D 75 13.69 17.46 27.97
CA LEU D 75 13.38 18.09 26.68
C LEU D 75 13.30 19.62 26.77
N SER D 76 13.97 20.31 25.84
CA SER D 76 13.99 21.79 25.75
C SER D 76 13.49 22.28 24.39
N TYR D 77 13.28 23.61 24.28
CA TYR D 77 12.66 24.22 23.08
C TYR D 77 13.21 25.57 22.66
N ALA D 78 13.31 25.75 21.34
CA ALA D 78 13.90 26.94 20.74
C ALA D 78 13.32 27.19 19.36
N VAL D 79 12.91 28.43 19.13
CA VAL D 79 12.32 28.88 17.89
C VAL D 79 13.40 29.16 16.87
N GLN D 80 13.20 28.75 15.64
CA GLN D 80 14.04 29.22 14.54
C GLN D 80 13.26 30.21 13.68
N SER D 81 13.73 31.46 13.64
CA SER D 81 12.97 32.60 13.03
C SER D 81 12.62 32.38 11.56
N SER D 82 13.59 31.89 10.79
CA SER D 82 13.33 31.47 9.41
C SER D 82 14.22 30.29 9.02
N PRO D 83 13.82 29.58 7.96
CA PRO D 83 14.57 28.36 7.61
C PRO D 83 15.90 28.67 6.96
N ASP D 84 16.88 29.06 7.77
CA ASP D 84 18.16 29.55 7.22
C ASP D 84 19.21 28.46 6.98
N GLY D 85 18.83 27.19 7.14
CA GLY D 85 19.77 26.07 7.01
C GLY D 85 19.95 25.20 8.24
N LEU D 86 20.60 24.04 8.09
CA LEU D 86 20.65 23.06 9.17
C LEU D 86 21.70 23.44 10.22
N ALA D 87 22.82 24.01 9.76
CA ALA D 87 23.95 24.26 10.63
C ALA D 87 23.61 25.36 11.60
N GLN D 88 22.54 26.09 11.30
CA GLN D 88 22.07 27.10 12.19
C GLN D 88 21.51 26.51 13.52
N ALA D 89 21.27 25.19 13.55
CA ALA D 89 20.83 24.53 14.78
C ALA D 89 21.84 24.76 15.87
N PHE D 90 23.11 24.64 15.53
CA PHE D 90 24.16 24.77 16.53
C PHE D 90 24.38 26.21 16.96
N ILE D 91 24.06 27.16 16.06
CA ILE D 91 24.07 28.57 16.40
C ILE D 91 22.91 28.86 17.35
N ILE D 92 21.68 28.57 16.88
CA ILE D 92 20.46 28.64 17.73
C ILE D 92 20.63 27.89 19.07
N GLY D 93 21.45 26.85 19.08
CA GLY D 93 21.50 25.92 20.20
C GLY D 93 22.77 26.00 20.99
N GLU D 94 23.53 27.06 20.76
CA GLU D 94 24.76 27.35 21.49
C GLU D 94 24.62 27.23 23.01
N GLU D 95 23.62 27.90 23.57
CA GLU D 95 23.43 27.90 25.01
C GLU D 95 23.22 26.46 25.48
N PHE D 96 22.20 25.80 24.92
CA PHE D 96 21.83 24.45 25.29
C PHE D 96 23.06 23.49 25.28
N ILE D 97 23.93 23.66 24.27
CA ILE D 97 25.05 22.74 24.05
C ILE D 97 26.17 22.90 25.07
N GLY D 98 26.42 24.15 25.49
CA GLY D 98 27.49 24.45 26.40
C GLY D 98 28.79 23.91 25.88
N ASP D 99 29.48 23.14 26.73
CA ASP D 99 30.80 22.59 26.42
C ASP D 99 30.74 21.12 25.96
N ASP D 100 29.52 20.57 25.93
CA ASP D 100 29.28 19.18 25.58
C ASP D 100 29.39 18.89 24.07
N ASN D 101 29.33 17.60 23.75
CA ASN D 101 29.10 17.17 22.39
C ASN D 101 27.60 17.08 22.12
N VAL D 102 27.23 17.18 20.85
CA VAL D 102 25.83 17.28 20.46
C VAL D 102 25.54 16.38 19.24
N ALA D 103 24.37 15.78 19.22
CA ALA D 103 23.92 15.01 18.04
C ALA D 103 22.78 15.73 17.35
N LEU D 104 22.82 15.75 16.00
CA LEU D 104 21.77 16.37 15.21
C LEU D 104 21.03 15.35 14.38
N VAL D 105 19.70 15.37 14.48
CA VAL D 105 18.87 14.56 13.62
C VAL D 105 17.70 15.38 13.05
N LEU D 106 17.37 15.14 11.79
CA LEU D 106 16.30 15.86 11.14
C LEU D 106 14.97 15.28 11.55
N GLY D 107 13.94 16.13 11.64
CA GLY D 107 12.70 15.79 12.31
C GLY D 107 11.80 15.03 11.38
N ASP D 108 12.18 14.96 10.11
CA ASP D 108 11.40 14.24 9.13
C ASP D 108 12.19 13.03 8.62
N ASN D 109 13.21 12.63 9.39
CA ASN D 109 13.97 11.43 9.08
C ASN D 109 13.55 10.19 9.87
N ILE D 110 13.41 9.07 9.17
CA ILE D 110 13.06 7.81 9.76
C ILE D 110 14.11 6.77 9.44
N PHE D 111 14.70 6.21 10.49
CA PHE D 111 15.70 5.16 10.41
C PHE D 111 15.18 3.86 11.02
N TYR D 112 15.49 2.72 10.39
CA TYR D 112 15.14 1.41 10.95
C TYR D 112 16.04 0.27 10.51
N GLY D 113 16.37 -0.59 11.45
CA GLY D 113 17.08 -1.82 11.11
C GLY D 113 17.76 -2.47 12.30
N HIS D 114 18.06 -3.75 12.15
CA HIS D 114 18.71 -4.54 13.16
C HIS D 114 20.10 -4.01 13.49
N GLY D 115 20.41 -3.97 14.79
CA GLY D 115 21.70 -3.52 15.28
C GLY D 115 21.91 -2.04 15.18
N PHE D 116 20.89 -1.30 14.73
CA PHE D 116 21.04 0.14 14.56
C PHE D 116 21.43 0.78 15.87
N THR D 117 20.92 0.24 16.95
CA THR D 117 21.11 0.87 18.22
C THR D 117 22.53 0.64 18.80
N GLU D 118 23.25 -0.40 18.31
CA GLU D 118 24.72 -0.58 18.56
C GLU D 118 25.53 0.52 17.84
N LEU D 119 25.09 0.89 16.65
CA LEU D 119 25.75 1.92 15.90
C LEU D 119 25.58 3.27 16.60
N LEU D 120 24.33 3.61 16.91
CA LEU D 120 24.02 4.85 17.58
C LEU D 120 24.80 5.03 18.88
N GLN D 121 24.86 3.97 19.69
CA GLN D 121 25.40 4.08 21.08
C GLN D 121 26.87 4.28 21.07
N ARG D 122 27.50 3.83 19.99
CA ARG D 122 28.92 3.95 19.85
C ARG D 122 29.30 5.23 19.17
N ALA D 123 28.36 5.86 18.49
CA ALA D 123 28.57 7.19 17.88
C ALA D 123 28.44 8.27 18.95
N ALA D 124 27.34 8.23 19.72
CA ALA D 124 27.36 8.74 21.09
C ALA D 124 28.46 7.97 21.83
N ASN D 125 29.00 8.53 22.89
CA ASN D 125 30.17 7.90 23.56
C ASN D 125 31.44 8.03 22.78
N ARG D 126 31.42 8.87 21.77
CA ARG D 126 32.65 9.40 21.23
C ARG D 126 32.91 10.78 21.84
N LYS D 127 34.11 10.95 22.36
CA LYS D 127 34.43 12.14 23.06
C LYS D 127 35.03 13.15 22.11
N SER D 128 35.19 12.77 20.82
CA SER D 128 35.81 13.64 19.81
C SER D 128 35.58 13.21 18.37
N GLY D 129 35.32 14.18 17.50
CA GLY D 129 35.19 13.93 16.07
C GLY D 129 33.79 14.17 15.53
N ALA D 130 33.55 13.71 14.31
CA ALA D 130 32.24 13.79 13.70
C ALA D 130 31.87 12.43 13.10
N THR D 131 30.76 11.84 13.58
CA THR D 131 30.23 10.64 12.93
C THR D 131 28.99 10.95 12.08
N ILE D 132 29.03 10.46 10.84
CA ILE D 132 27.88 10.57 9.94
C ILE D 132 27.49 9.21 9.39
N PHE D 133 26.30 9.13 8.80
CA PHE D 133 25.72 7.89 8.34
C PHE D 133 25.42 7.94 6.88
N GLY D 134 26.08 7.05 6.13
CA GLY D 134 25.85 6.89 4.70
C GLY D 134 24.90 5.77 4.39
N TYR D 135 24.21 5.90 3.27
CA TYR D 135 23.18 4.95 2.86
C TYR D 135 23.07 4.96 1.35
N ASN D 136 23.23 3.81 0.71
CA ASN D 136 23.07 3.70 -0.73
C ASN D 136 21.64 4.00 -1.21
N VAL D 137 21.49 5.00 -2.08
CA VAL D 137 20.16 5.48 -2.53
C VAL D 137 20.05 5.63 -4.06
N LYS D 138 18.82 5.90 -4.52
CA LYS D 138 18.49 5.83 -5.93
C LYS D 138 18.87 7.08 -6.72
N ASP D 139 18.73 8.23 -6.12
CA ASP D 139 19.12 9.46 -6.81
C ASP D 139 19.98 10.26 -5.93
N PRO D 140 21.22 9.80 -5.74
CA PRO D 140 22.10 10.37 -4.74
C PRO D 140 22.27 11.89 -4.91
N GLN D 141 22.25 12.37 -6.15
CA GLN D 141 22.29 13.83 -6.44
C GLN D 141 21.27 14.65 -5.62
N ARG D 142 20.20 14.00 -5.13
CA ARG D 142 19.18 14.69 -4.32
C ARG D 142 19.68 15.02 -2.92
N PHE D 143 20.84 14.46 -2.55
CA PHE D 143 21.30 14.47 -1.14
C PHE D 143 22.74 14.96 -0.98
N GLY D 144 23.15 15.20 0.26
CA GLY D 144 24.57 15.15 0.59
C GLY D 144 25.17 13.79 0.19
N VAL D 145 26.35 13.81 -0.39
CA VAL D 145 26.93 12.61 -0.95
C VAL D 145 28.37 12.42 -0.44
N VAL D 146 28.69 11.21 -0.03
CA VAL D 146 29.97 10.94 0.56
C VAL D 146 30.61 9.89 -0.27
N GLU D 147 31.81 10.17 -0.77
CA GLU D 147 32.63 9.15 -1.44
C GLU D 147 33.79 8.77 -0.55
N PHE D 148 34.03 7.47 -0.42
CA PHE D 148 35.08 6.99 0.44
C PHE D 148 35.94 6.02 -0.29
N ASP D 149 37.10 5.67 0.30
CA ASP D 149 37.95 4.59 -0.20
C ASP D 149 37.82 3.34 0.68
N GLU D 150 38.33 2.21 0.16
CA GLU D 150 38.38 0.95 0.90
C GLU D 150 38.87 1.17 2.34
N LYS D 151 38.52 0.25 3.23
CA LYS D 151 38.71 0.45 4.69
C LYS D 151 37.77 1.55 5.23
N GLY D 152 37.05 2.19 4.30
CA GLY D 152 35.98 3.12 4.62
C GLY D 152 36.37 4.50 5.14
N LYS D 153 37.34 5.15 4.50
CA LYS D 153 37.67 6.58 4.86
C LYS D 153 37.29 7.60 3.76
N VAL D 154 36.73 8.72 4.21
CA VAL D 154 36.12 9.72 3.33
C VAL D 154 37.11 10.41 2.42
N ILE D 155 36.88 10.37 1.10
CA ILE D 155 37.70 11.18 0.20
C ILE D 155 37.10 12.55 -0.10
N SER D 156 35.78 12.64 -0.17
CA SER D 156 35.11 13.95 -0.33
C SER D 156 33.66 13.94 0.14
N ILE D 157 33.05 15.11 0.19
CA ILE D 157 31.66 15.22 0.60
C ILE D 157 31.02 16.47 0.00
N GLU D 158 30.18 16.26 -1.02
CA GLU D 158 29.57 17.32 -1.80
C GLU D 158 28.07 17.37 -1.58
N GLU D 159 27.52 18.58 -1.59
CA GLU D 159 26.09 18.77 -1.38
C GLU D 159 25.34 18.85 -2.69
N LYS D 160 24.44 17.87 -2.89
CA LYS D 160 23.67 17.72 -4.14
C LYS D 160 24.49 17.90 -5.41
N PRO D 161 25.50 17.03 -5.62
CA PRO D 161 26.33 17.09 -6.83
C PRO D 161 25.57 16.76 -8.11
N GLU D 162 25.78 17.56 -9.14
CA GLU D 162 25.16 17.35 -10.44
C GLU D 162 25.72 16.06 -11.04
N GLU D 163 26.93 15.71 -10.61
CA GLU D 163 27.50 14.39 -10.90
C GLU D 163 28.06 13.71 -9.64
N PRO D 164 27.24 12.87 -8.98
CA PRO D 164 27.62 12.28 -7.69
C PRO D 164 28.82 11.36 -7.85
N LYS D 165 29.75 11.46 -6.89
CA LYS D 165 31.00 10.67 -6.94
C LYS D 165 30.84 9.28 -6.32
N SER D 166 29.72 9.06 -5.64
CA SER D 166 29.34 7.75 -5.15
C SER D 166 27.83 7.71 -5.10
N SER D 167 27.28 6.61 -4.63
CA SER D 167 25.83 6.45 -4.56
C SER D 167 25.34 6.56 -3.12
N TYR D 168 26.21 7.10 -2.25
CA TYR D 168 25.98 7.07 -0.83
C TYR D 168 25.57 8.42 -0.27
N ALA D 169 24.28 8.55 0.07
CA ALA D 169 23.75 9.78 0.64
C ALA D 169 24.21 9.95 2.07
N VAL D 170 24.44 11.18 2.48
CA VAL D 170 24.61 11.46 3.90
C VAL D 170 23.24 11.78 4.49
N THR D 171 22.82 10.96 5.43
CA THR D 171 21.50 11.02 5.99
C THR D 171 21.41 12.08 7.10
N GLY D 172 20.18 12.46 7.49
CA GLY D 172 19.98 13.51 8.48
C GLY D 172 20.22 13.07 9.93
N LEU D 173 21.37 12.45 10.17
CA LEU D 173 21.77 12.10 11.53
C LEU D 173 23.25 12.33 11.71
N TYR D 174 23.59 13.18 12.68
CA TYR D 174 24.92 13.73 12.77
C TYR D 174 25.41 13.75 14.23
N PHE D 175 26.58 13.17 14.47
CA PHE D 175 27.24 13.25 15.80
C PHE D 175 28.52 14.11 15.71
N TYR D 176 28.64 15.09 16.62
CA TYR D 176 29.76 16.07 16.58
C TYR D 176 30.34 16.27 17.96
N ASP D 177 31.63 16.58 18.04
CA ASP D 177 32.20 17.06 19.32
C ASP D 177 31.86 18.58 19.54
N ASN D 178 32.38 19.17 20.62
CA ASN D 178 31.96 20.51 20.99
C ASN D 178 32.40 21.61 20.00
N ARG D 179 33.32 21.28 19.11
CA ARG D 179 33.86 22.24 18.15
C ARG D 179 32.87 22.68 17.12
N VAL D 180 31.70 22.07 17.09
CA VAL D 180 30.83 22.26 15.93
C VAL D 180 30.17 23.66 15.96
N VAL D 181 29.84 24.12 17.15
CA VAL D 181 29.21 25.43 17.27
C VAL D 181 30.08 26.54 16.66
N ASP D 182 31.34 26.62 17.08
CA ASP D 182 32.22 27.63 16.54
C ASP D 182 32.56 27.34 15.06
N ILE D 183 32.26 26.13 14.59
CA ILE D 183 32.48 25.80 13.19
C ILE D 183 31.34 26.36 12.34
N ALA D 184 30.12 26.18 12.86
CA ALA D 184 28.91 26.67 12.22
C ALA D 184 28.85 28.20 12.22
N LYS D 185 29.30 28.79 13.33
CA LYS D 185 29.42 30.23 13.43
C LYS D 185 30.21 30.82 12.26
N ASN D 186 31.25 30.09 11.80
CA ASN D 186 32.24 30.65 10.86
C ASN D 186 32.15 30.17 9.42
N ILE D 187 30.97 29.72 9.00
CA ILE D 187 30.76 29.36 7.60
C ILE D 187 29.65 30.21 7.05
N THR D 188 29.72 30.48 5.76
CA THR D 188 28.85 31.48 5.16
C THR D 188 27.67 30.81 4.45
N PRO D 189 26.57 31.57 4.24
CA PRO D 189 25.50 31.13 3.35
C PRO D 189 26.07 30.69 2.02
N SER D 190 25.27 29.96 1.26
CA SER D 190 25.71 29.44 -0.02
C SER D 190 24.70 29.85 -1.08
N ALA D 191 24.94 29.41 -2.32
CA ALA D 191 24.05 29.71 -3.44
C ALA D 191 22.56 29.70 -3.07
N ARG D 192 22.13 28.68 -2.32
CA ARG D 192 20.71 28.51 -1.98
C ARG D 192 20.31 29.39 -0.81
N GLY D 193 21.29 30.06 -0.20
CA GLY D 193 21.05 30.99 0.89
C GLY D 193 20.90 30.30 2.23
N GLU D 194 21.58 29.15 2.38
CA GLU D 194 21.49 28.35 3.60
C GLU D 194 22.86 28.02 4.17
N LEU D 195 22.94 28.00 5.50
CA LEU D 195 24.10 27.50 6.21
C LEU D 195 24.01 25.99 6.20
N GLU D 196 24.94 25.37 5.46
CA GLU D 196 24.83 23.95 5.06
C GLU D 196 25.54 22.97 6.01
N ILE D 197 24.91 21.81 6.25
CA ILE D 197 25.52 20.82 7.12
C ILE D 197 26.72 20.16 6.44
N THR D 198 26.69 20.09 5.10
CA THR D 198 27.81 19.58 4.32
C THR D 198 29.14 20.32 4.61
N ASP D 199 29.12 21.64 4.58
CA ASP D 199 30.31 22.43 4.95
C ASP D 199 30.77 22.19 6.39
N VAL D 200 29.82 21.91 7.31
CA VAL D 200 30.21 21.52 8.67
C VAL D 200 30.98 20.23 8.58
N ASN D 201 30.39 19.26 7.89
CA ASN D 201 31.06 18.00 7.67
C ASN D 201 32.38 18.17 6.94
N LYS D 202 32.43 19.11 6.01
CA LYS D 202 33.68 19.41 5.33
C LYS D 202 34.77 19.82 6.32
N ALA D 203 34.40 20.72 7.22
CA ALA D 203 35.34 21.18 8.27
C ALA D 203 35.97 20.01 9.02
N TYR D 204 35.12 19.18 9.65
CA TYR D 204 35.60 17.97 10.33
C TYR D 204 36.46 17.05 9.44
N LEU D 205 36.13 16.97 8.14
CA LEU D 205 36.92 16.14 7.23
C LEU D 205 38.33 16.69 7.22
N GLU D 206 38.42 17.99 7.20
CA GLU D 206 39.70 18.63 7.11
C GLU D 206 40.44 18.65 8.46
N LEU D 207 39.72 18.49 9.57
CA LEU D 207 40.34 18.28 10.86
C LEU D 207 40.76 16.83 11.06
N GLY D 208 40.53 16.02 10.03
CA GLY D 208 40.91 14.61 10.04
C GLY D 208 40.12 13.75 11.04
N GLU D 209 38.92 14.18 11.39
CA GLU D 209 38.09 13.42 12.33
C GLU D 209 36.63 13.27 11.86
N LEU D 210 36.42 13.06 10.57
CA LEU D 210 35.09 12.74 10.06
C LEU D 210 34.93 11.22 9.78
N HIS D 211 34.26 10.50 10.69
CA HIS D 211 33.97 9.04 10.51
C HIS D 211 32.63 8.77 9.82
N VAL D 212 32.59 7.82 8.90
CA VAL D 212 31.30 7.34 8.35
C VAL D 212 30.92 6.00 8.95
N GLU D 213 29.68 5.90 9.42
CA GLU D 213 29.03 4.62 9.51
C GLU D 213 28.21 4.36 8.25
N LEU D 214 28.56 3.28 7.55
CA LEU D 214 27.89 2.89 6.32
C LEU D 214 26.68 2.06 6.67
N LEU D 215 25.49 2.53 6.30
CA LEU D 215 24.27 1.75 6.54
C LEU D 215 23.96 0.93 5.31
N GLY D 216 24.16 -0.39 5.42
CA GLY D 216 23.94 -1.31 4.30
C GLY D 216 22.48 -1.47 3.94
N ARG D 217 22.22 -2.23 2.88
CA ARG D 217 20.86 -2.43 2.35
C ARG D 217 19.84 -3.04 3.34
N GLY D 218 20.28 -3.55 4.47
CA GLY D 218 19.35 -4.08 5.49
C GLY D 218 18.67 -3.03 6.39
N PHE D 219 19.17 -1.80 6.35
CA PHE D 219 18.51 -0.72 7.08
C PHE D 219 17.54 -0.03 6.20
N ALA D 220 16.51 0.50 6.79
CA ALA D 220 15.62 1.40 6.09
C ALA D 220 15.98 2.84 6.48
N TRP D 221 16.22 3.67 5.48
CA TRP D 221 16.23 5.11 5.71
C TRP D 221 15.19 5.82 4.82
N LEU D 222 14.21 6.47 5.45
CA LEU D 222 13.25 7.26 4.72
C LEU D 222 13.21 8.70 5.25
N ASP D 223 12.80 9.62 4.38
CA ASP D 223 12.45 10.98 4.80
C ASP D 223 11.05 11.29 4.27
N THR D 224 10.39 12.18 4.94
CA THR D 224 8.99 12.24 4.88
C THR D 224 8.54 13.46 4.08
N GLY D 225 9.27 13.79 3.03
CA GLY D 225 9.22 15.14 2.47
C GLY D 225 8.02 15.43 1.58
N THR D 226 7.55 14.41 0.86
CA THR D 226 6.41 14.54 -0.04
C THR D 226 5.22 13.71 0.42
N HIS D 227 4.06 13.96 -0.18
CA HIS D 227 2.89 13.15 0.07
C HIS D 227 3.11 11.70 -0.24
N GLU D 228 3.85 11.44 -1.31
CA GLU D 228 4.21 10.07 -1.69
C GLU D 228 5.08 9.39 -0.65
N SER D 229 6.15 10.07 -0.28
CA SER D 229 7.13 9.47 0.63
C SER D 229 6.52 9.33 2.02
N LEU D 230 5.67 10.30 2.40
CA LEU D 230 4.86 10.18 3.63
C LEU D 230 4.07 8.86 3.64
N LEU D 231 3.24 8.65 2.62
CA LEU D 231 2.40 7.49 2.57
C LEU D 231 3.21 6.19 2.56
N GLN D 232 4.31 6.17 1.81
CA GLN D 232 5.20 4.99 1.79
C GLN D 232 5.75 4.70 3.17
N ALA D 233 6.30 5.73 3.82
CA ALA D 233 6.90 5.56 5.13
C ALA D 233 5.85 4.94 6.04
N SER D 234 4.63 5.48 5.95
CA SER D 234 3.46 4.92 6.63
C SER D 234 3.21 3.40 6.38
N GLN D 235 3.16 2.98 5.10
CA GLN D 235 2.88 1.57 4.79
C GLN D 235 3.99 0.69 5.30
N PHE D 236 5.21 1.20 5.27
CA PHE D 236 6.36 0.44 5.74
C PHE D 236 6.30 0.18 7.25
N ILE D 237 5.90 1.19 8.02
CA ILE D 237 5.81 1.02 9.44
C ILE D 237 4.73 0.00 9.80
N GLU D 238 3.53 0.11 9.24
CA GLU D 238 2.45 -0.80 9.59
C GLU D 238 2.74 -2.25 9.22
N THR D 239 3.46 -2.49 8.12
CA THR D 239 3.90 -3.82 7.80
C THR D 239 4.75 -4.39 8.95
N ILE D 240 5.78 -3.66 9.36
CA ILE D 240 6.62 -4.09 10.46
C ILE D 240 5.81 -4.33 11.74
N GLU D 241 4.91 -3.40 12.08
CA GLU D 241 4.15 -3.46 13.32
C GLU D 241 3.03 -4.53 13.32
N LYS D 242 2.22 -4.59 12.26
CA LYS D 242 1.15 -5.61 12.17
C LYS D 242 1.72 -7.02 12.40
N ARG D 243 2.86 -7.28 11.80
CA ARG D 243 3.48 -8.60 11.83
C ARG D 243 4.00 -8.97 13.21
N GLN D 244 4.77 -8.07 13.83
CA GLN D 244 5.54 -8.38 15.03
C GLN D 244 4.75 -8.18 16.32
N SER D 245 3.76 -7.32 16.27
CA SER D 245 3.19 -6.76 17.49
C SER D 245 4.28 -6.13 18.38
N LEU D 246 5.26 -5.50 17.73
CA LEU D 246 6.18 -4.63 18.43
C LEU D 246 6.09 -3.32 17.70
N LYS D 247 6.15 -2.21 18.42
CA LYS D 247 6.04 -0.91 17.80
C LYS D 247 7.40 -0.27 17.51
N VAL D 248 7.43 0.59 16.49
CA VAL D 248 8.61 1.37 16.16
C VAL D 248 8.47 2.74 16.79
N ALA D 249 9.49 3.18 17.50
CA ALA D 249 9.55 4.55 17.96
C ALA D 249 8.46 4.87 19.00
N CYS D 250 7.99 3.86 19.69
CA CYS D 250 7.18 4.08 20.88
C CYS D 250 8.08 4.63 22.01
N LEU D 251 7.96 5.91 22.30
CA LEU D 251 8.87 6.63 23.20
C LEU D 251 8.92 6.02 24.63
N GLU D 252 7.75 5.64 25.12
CA GLU D 252 7.59 5.13 26.46
C GLU D 252 8.25 3.77 26.58
N GLU D 253 8.16 2.94 25.54
CA GLU D 253 8.76 1.61 25.59
C GLU D 253 10.26 1.75 25.64
N ILE D 254 10.74 2.80 24.99
CA ILE D 254 12.15 3.04 24.86
C ILE D 254 12.68 3.65 26.15
N ALA D 255 11.92 4.57 26.72
CA ALA D 255 12.27 5.15 28.03
C ALA D 255 12.55 4.00 28.99
N TYR D 256 11.71 2.98 28.94
CA TYR D 256 11.76 1.89 29.87
C TYR D 256 12.85 0.89 29.54
N ARG D 257 12.82 0.32 28.34
CA ARG D 257 13.87 -0.63 27.91
C ARG D 257 15.28 -0.05 28.08
N MET D 258 15.36 1.29 27.96
CA MET D 258 16.63 2.00 27.99
C MET D 258 17.07 2.26 29.42
N GLY D 259 16.12 2.26 30.35
CA GLY D 259 16.43 2.39 31.76
C GLY D 259 15.96 3.73 32.29
N TYR D 260 15.65 4.66 31.41
CA TYR D 260 15.30 6.03 31.84
C TYR D 260 14.13 6.07 32.83
N ILE D 261 13.27 5.06 32.80
CA ILE D 261 12.14 5.00 33.75
C ILE D 261 11.91 3.58 34.29
N SER D 262 11.18 3.47 35.37
CA SER D 262 11.01 2.21 36.00
C SER D 262 9.76 1.56 35.46
N ARG D 263 9.70 0.24 35.59
CA ARG D 263 8.51 -0.53 35.34
C ARG D 263 7.28 0.21 35.90
N GLU D 264 7.37 0.61 37.18
CA GLU D 264 6.26 1.29 37.87
C GLU D 264 5.80 2.57 37.20
N GLN D 265 6.74 3.27 36.56
CA GLN D 265 6.44 4.51 35.89
C GLN D 265 5.81 4.27 34.52
N LEU D 266 6.21 3.18 33.87
CA LEU D 266 5.53 2.74 32.64
C LEU D 266 4.06 2.47 32.90
N ILE D 267 3.77 1.83 34.04
CA ILE D 267 2.40 1.47 34.42
C ILE D 267 1.59 2.70 34.64
N LYS D 268 2.22 3.69 35.27
CA LYS D 268 1.57 4.97 35.54
C LYS D 268 1.26 5.69 34.24
N LEU D 269 2.16 5.56 33.26
CA LEU D 269 1.95 6.13 31.93
C LEU D 269 0.84 5.42 31.22
N ALA D 270 0.89 4.08 31.19
CA ALA D 270 -0.12 3.28 30.51
C ALA D 270 -1.53 3.55 31.04
N GLU D 271 -1.63 3.86 32.34
CA GLU D 271 -2.91 3.86 33.04
C GLU D 271 -4.02 4.79 32.44
N PRO D 272 -3.65 5.99 32.02
CA PRO D 272 -4.76 6.77 31.42
C PRO D 272 -5.08 6.40 29.94
N LEU D 273 -4.16 5.66 29.31
CA LEU D 273 -4.31 5.35 27.88
C LEU D 273 -4.89 3.97 27.63
N MET D 274 -5.30 3.27 28.69
CA MET D 274 -5.91 1.92 28.55
C MET D 274 -7.16 1.98 27.69
N LYS D 275 -7.67 3.20 27.54
CA LYS D 275 -8.77 3.54 26.67
C LYS D 275 -8.49 3.12 25.18
N ASN D 276 -7.20 3.09 24.82
CA ASN D 276 -6.77 2.97 23.41
C ASN D 276 -5.62 2.01 23.24
N GLU D 277 -5.35 1.63 21.99
CA GLU D 277 -4.44 0.52 21.69
C GLU D 277 -3.02 0.82 22.12
N TYR D 278 -2.67 2.09 22.13
CA TYR D 278 -1.31 2.46 22.38
C TYR D 278 -0.99 2.16 23.86
N GLY D 279 -1.94 2.50 24.73
CA GLY D 279 -1.84 2.27 26.17
C GLY D 279 -1.79 0.79 26.49
N GLN D 280 -2.68 0.02 25.90
CA GLN D 280 -2.66 -1.39 26.16
C GLN D 280 -1.36 -2.01 25.66
N TYR D 281 -0.73 -1.39 24.67
CA TYR D 281 0.59 -1.88 24.24
C TYR D 281 1.63 -1.64 25.34
N LEU D 282 1.55 -0.48 26.00
CA LEU D 282 2.46 -0.18 27.11
C LEU D 282 2.23 -1.11 28.28
N MET D 283 0.96 -1.37 28.59
CA MET D 283 0.62 -2.17 29.77
C MET D 283 1.12 -3.59 29.63
N ASN D 284 0.95 -4.14 28.44
CA ASN D 284 1.41 -5.46 28.14
C ASN D 284 2.93 -5.60 28.24
N LEU D 285 3.65 -4.52 27.96
CA LEU D 285 5.11 -4.52 28.08
C LEU D 285 5.55 -4.49 29.52
N ALA D 286 4.85 -3.69 30.32
CA ALA D 286 4.97 -3.72 31.79
C ALA D 286 4.71 -5.10 32.40
N HIS D 287 3.79 -5.85 31.79
CA HIS D 287 3.44 -7.22 32.25
C HIS D 287 4.43 -8.32 31.79
N ARG D 288 5.73 -8.14 32.05
CA ARG D 288 6.78 -9.09 31.56
C ARG D 288 8.13 -8.95 32.30
#